data_3QSP
#
_entry.id   3QSP
#
_cell.length_a   53.510
_cell.length_b   159.040
_cell.length_c   60.130
_cell.angle_alpha   90.00
_cell.angle_beta   106.74
_cell.angle_gamma   90.00
#
_symmetry.space_group_name_H-M   'P 1 21 1'
#
loop_
_entity.id
_entity.type
_entity.pdbx_description
1 polymer 'Putative uncharacterized protein'
2 branched alpha-D-mannopyranose-(1-6)-beta-D-mannopyranose
3 non-polymer 1,2-ETHANEDIOL
4 water water
#
_entity_poly.entity_id   1
_entity_poly.type   'polypeptide(L)'
_entity_poly.pdbx_seq_one_letter_code
;MVYSKEIVREWLDEVAERAKDYPEWVDVFERCYTDTLDNTVEILEDGSTFVLTGDIPAMWLRDSTAQLRPYLHVAKRDAL
LRQTIAGLVKRQMTLVLKDPYANSFNIEENWKGHHETDHTDLNGWIWERKYEVDSLCYPLQLAYLLWKETGETSQFDEIF
VAATKEILHLWTVEQDHKNSPYRFVRDTDRKEDTLVNDGFGPDFAVTGMTWSAFRPSDDCCQYSYLIPSNMFAVVVLGYV
QEIFAALNLADSQSVIADAKRLQDEIQEGIKNYAYTTNSKGEKIYAFEVDGLGNASIMDDPNVPSLLAAPYLGYCSVDDE
VYQATRRTILSSENPYFYQGEYASGLGSSHTFYRYIWPIALSIQGLTTRDKAEKKFLLDQLVACDGGTGVMHESFHVDDP
TLYSREWFSWANMMFCELVLDYLDIR
;
_entity_poly.pdbx_strand_id   A,B
#
# COMPACT_ATOMS: atom_id res chain seq x y z
N MET A 1 -24.59 -29.45 31.84
CA MET A 1 -24.17 -28.58 32.97
C MET A 1 -22.81 -27.93 32.67
N VAL A 2 -22.84 -26.71 32.13
CA VAL A 2 -21.60 -26.04 31.78
C VAL A 2 -21.22 -24.96 32.80
N TYR A 3 -22.21 -24.42 33.51
CA TYR A 3 -21.99 -23.38 34.53
C TYR A 3 -23.13 -23.40 35.55
N SER A 4 -22.99 -22.61 36.59
CA SER A 4 -23.99 -22.50 37.63
C SER A 4 -24.78 -21.21 37.37
N LYS A 5 -26.07 -21.34 37.07
CA LYS A 5 -26.87 -20.16 36.69
C LYS A 5 -26.93 -19.20 37.84
N GLU A 6 -27.00 -19.74 39.06
CA GLU A 6 -27.10 -18.93 40.28
C GLU A 6 -25.87 -18.06 40.57
N ILE A 7 -24.69 -18.63 40.40
CA ILE A 7 -23.47 -17.86 40.62
C ILE A 7 -23.25 -16.87 39.49
N VAL A 8 -23.49 -17.28 38.24
CA VAL A 8 -23.31 -16.35 37.12
C VAL A 8 -24.27 -15.17 37.19
N ARG A 9 -25.56 -15.42 37.47
CA ARG A 9 -26.50 -14.32 37.66
C ARG A 9 -26.06 -13.34 38.77
N GLU A 10 -25.56 -13.87 39.88
CA GLU A 10 -25.09 -13.01 40.97
C GLU A 10 -23.90 -12.13 40.54
N TRP A 11 -22.93 -12.72 39.83
CA TRP A 11 -21.77 -11.97 39.32
C TRP A 11 -22.25 -10.86 38.35
N LEU A 12 -23.18 -11.21 37.47
CA LEU A 12 -23.79 -10.24 36.55
C LEU A 12 -24.52 -9.11 37.27
N ASP A 13 -25.25 -9.44 38.33
CA ASP A 13 -25.88 -8.40 39.13
C ASP A 13 -24.82 -7.43 39.64
N GLU A 14 -23.72 -7.99 40.12
CA GLU A 14 -22.63 -7.19 40.64
C GLU A 14 -21.99 -6.34 39.56
N VAL A 15 -21.83 -6.92 38.36
CA VAL A 15 -21.35 -6.09 37.26
C VAL A 15 -22.34 -4.96 36.91
N ALA A 16 -23.62 -5.31 36.81
CA ALA A 16 -24.67 -4.35 36.43
C ALA A 16 -24.75 -3.19 37.43
N GLU A 17 -24.49 -3.48 38.71
CA GLU A 17 -24.52 -2.48 39.76
C GLU A 17 -23.33 -1.57 39.57
N ARG A 18 -22.13 -2.13 39.40
CA ARG A 18 -20.96 -1.31 39.03
C ARG A 18 -21.21 -0.41 37.81
N ALA A 19 -21.97 -0.90 36.82
CA ALA A 19 -22.20 -0.12 35.60
C ALA A 19 -23.58 0.51 35.54
N LYS A 20 -24.16 0.77 36.71
CA LYS A 20 -25.55 1.20 36.79
C LYS A 20 -25.84 2.52 36.07
N ASP A 21 -24.84 3.39 35.86
CA ASP A 21 -25.05 4.67 35.17
C ASP A 21 -25.13 4.49 33.64
N TYR A 22 -24.75 3.29 33.18
CA TYR A 22 -24.79 2.98 31.75
C TYR A 22 -25.70 1.79 31.40
N PRO A 23 -27.04 2.00 31.50
CA PRO A 23 -27.94 0.89 31.23
C PRO A 23 -27.78 0.34 29.81
N GLU A 24 -27.40 1.18 28.85
CA GLU A 24 -27.16 0.68 27.50
C GLU A 24 -25.99 -0.31 27.40
N TRP A 25 -24.92 -0.08 28.15
CA TRP A 25 -23.84 -1.07 28.25
C TRP A 25 -24.29 -2.38 28.86
N VAL A 26 -25.04 -2.30 29.96
CA VAL A 26 -25.48 -3.49 30.70
C VAL A 26 -26.31 -4.43 29.84
N ASP A 27 -27.31 -3.90 29.14
CA ASP A 27 -28.16 -4.74 28.31
C ASP A 27 -27.37 -5.51 27.25
N VAL A 28 -26.44 -4.82 26.60
CA VAL A 28 -25.55 -5.46 25.60
C VAL A 28 -24.58 -6.46 26.26
N PHE A 29 -24.01 -6.07 27.39
CA PHE A 29 -23.07 -6.97 28.09
C PHE A 29 -23.76 -8.31 28.46
N GLU A 30 -24.94 -8.21 29.06
CA GLU A 30 -25.69 -9.41 29.50
C GLU A 30 -26.11 -10.26 28.33
N ARG A 31 -26.55 -9.62 27.24
CA ARG A 31 -26.96 -10.37 26.05
C ARG A 31 -25.78 -11.17 25.45
N CYS A 32 -24.65 -10.49 25.32
CA CYS A 32 -23.44 -11.09 24.79
C CYS A 32 -22.90 -12.15 25.72
N TYR A 33 -22.83 -11.83 27.00
CA TYR A 33 -22.25 -12.77 28.01
C TYR A 33 -23.09 -14.05 28.13
N THR A 34 -24.41 -13.89 28.14
CA THR A 34 -25.32 -15.04 28.20
C THR A 34 -25.30 -15.88 26.92
N ASP A 35 -25.26 -15.22 25.77
CA ASP A 35 -25.29 -15.93 24.49
C ASP A 35 -24.17 -16.98 24.38
N THR A 36 -22.95 -16.60 24.76
CA THR A 36 -21.76 -17.46 24.56
C THR A 36 -21.95 -18.76 25.33
N LEU A 37 -22.34 -18.60 26.60
CA LEU A 37 -22.54 -19.69 27.54
C LEU A 37 -23.69 -20.60 27.15
N ASP A 38 -24.81 -20.04 26.70
CA ASP A 38 -25.96 -20.91 26.40
C ASP A 38 -25.95 -21.48 25.00
N ASN A 39 -25.31 -20.77 24.07
CA ASN A 39 -25.45 -21.14 22.66
C ASN A 39 -24.20 -21.55 21.90
N THR A 40 -23.02 -21.46 22.49
CA THR A 40 -21.82 -21.76 21.72
C THR A 40 -21.00 -22.90 22.35
N VAL A 41 -21.30 -23.24 23.61
CA VAL A 41 -20.50 -24.16 24.44
C VAL A 41 -21.20 -25.52 24.62
N GLU A 42 -20.49 -26.63 24.38
CA GLU A 42 -21.06 -27.93 24.73
C GLU A 42 -20.08 -28.98 25.22
N ILE A 43 -20.51 -29.72 26.24
CA ILE A 43 -19.66 -30.73 26.85
C ILE A 43 -19.81 -32.00 26.04
N LEU A 44 -18.70 -32.56 25.57
CA LEU A 44 -18.73 -33.79 24.76
C LEU A 44 -18.77 -35.06 25.62
N GLU A 45 -18.99 -36.21 24.97
CA GLU A 45 -18.93 -37.56 25.59
C GLU A 45 -17.75 -37.72 26.56
N ASP A 46 -16.58 -37.28 26.13
CA ASP A 46 -15.38 -37.49 26.93
C ASP A 46 -15.19 -36.45 28.02
N GLY A 47 -16.18 -35.59 28.21
CA GLY A 47 -16.09 -34.56 29.23
C GLY A 47 -15.32 -33.32 28.79
N SER A 48 -14.82 -33.30 27.55
CA SER A 48 -14.16 -32.04 27.07
C SER A 48 -15.21 -31.01 26.58
N THR A 49 -14.76 -29.80 26.26
CA THR A 49 -15.66 -28.70 25.85
C THR A 49 -15.44 -28.31 24.39
N PHE A 50 -16.47 -28.39 23.58
CA PHE A 50 -16.40 -27.90 22.21
C PHE A 50 -17.12 -26.55 22.20
N VAL A 51 -16.49 -25.57 21.56
CA VAL A 51 -17.01 -24.19 21.52
C VAL A 51 -17.12 -23.75 20.06
N LEU A 52 -18.33 -23.50 19.58
CA LEU A 52 -18.46 -23.01 18.21
C LEU A 52 -18.40 -21.47 18.09
N THR A 53 -18.08 -20.95 16.91
CA THR A 53 -17.84 -19.50 16.73
C THR A 53 -19.11 -18.64 16.79
N GLY A 54 -20.27 -19.27 16.62
CA GLY A 54 -21.46 -18.49 16.31
C GLY A 54 -21.98 -18.92 14.96
N ASP A 55 -22.17 -17.98 14.04
CA ASP A 55 -22.79 -18.31 12.74
C ASP A 55 -21.96 -19.12 11.74
N ILE A 56 -20.75 -19.55 12.14
CA ILE A 56 -20.00 -20.59 11.41
C ILE A 56 -19.93 -21.80 12.33
N PRO A 57 -20.57 -22.93 11.91
CA PRO A 57 -20.82 -24.03 12.82
C PRO A 57 -19.55 -24.92 12.99
N ALA A 58 -18.45 -24.31 13.45
CA ALA A 58 -17.19 -25.03 13.72
C ALA A 58 -16.43 -24.33 14.82
N MET A 59 -15.38 -24.98 15.32
CA MET A 59 -14.57 -24.47 16.41
C MET A 59 -13.24 -23.94 15.91
N TRP A 60 -12.97 -22.65 16.19
CA TRP A 60 -11.65 -22.08 15.97
C TRP A 60 -10.82 -22.15 17.27
N LEU A 61 -9.53 -22.51 17.15
CA LEU A 61 -8.64 -22.45 18.31
C LEU A 61 -8.57 -20.98 18.83
N ARG A 62 -8.51 -20.03 17.89
CA ARG A 62 -8.54 -18.58 18.18
C ARG A 62 -9.83 -18.15 18.87
N ASP A 63 -10.96 -18.26 18.16
CA ASP A 63 -12.24 -17.78 18.67
C ASP A 63 -12.55 -18.41 20.03
N SER A 64 -12.40 -19.74 20.11
CA SER A 64 -12.83 -20.48 21.33
C SER A 64 -12.12 -19.97 22.61
N THR A 65 -10.86 -19.58 22.48
CA THR A 65 -10.09 -19.01 23.59
C THR A 65 -10.63 -17.64 24.01
N ALA A 66 -10.76 -16.76 23.01
CA ALA A 66 -11.24 -15.39 23.27
C ALA A 66 -12.65 -15.39 23.76
N GLN A 67 -13.45 -16.37 23.31
CA GLN A 67 -14.82 -16.54 23.72
C GLN A 67 -14.93 -16.82 25.20
N LEU A 68 -14.07 -17.70 25.72
CA LEU A 68 -14.19 -18.15 27.12
C LEU A 68 -13.34 -17.33 28.09
N ARG A 69 -12.43 -16.52 27.56
CA ARG A 69 -11.51 -15.78 28.42
C ARG A 69 -12.20 -14.89 29.48
N PRO A 70 -13.26 -14.11 29.11
CA PRO A 70 -13.91 -13.27 30.11
C PRO A 70 -14.64 -14.03 31.21
N TYR A 71 -14.71 -15.37 31.08
CA TYR A 71 -15.43 -16.16 32.11
C TYR A 71 -14.49 -16.55 33.23
N LEU A 72 -13.21 -16.27 33.04
CA LEU A 72 -12.21 -16.51 34.09
C LEU A 72 -12.48 -15.77 35.39
N HIS A 73 -13.05 -14.58 35.33
CA HIS A 73 -13.39 -13.86 36.56
C HIS A 73 -14.44 -14.62 37.38
N VAL A 74 -15.53 -15.00 36.73
CA VAL A 74 -16.58 -15.70 37.49
C VAL A 74 -16.15 -17.13 37.80
N ALA A 75 -15.24 -17.66 37.01
CA ALA A 75 -14.73 -19.02 37.22
C ALA A 75 -13.95 -19.14 38.54
N LYS A 76 -13.60 -18.02 39.15
CA LYS A 76 -12.99 -18.01 40.49
C LYS A 76 -14.02 -18.34 41.60
N ARG A 77 -15.30 -18.18 41.26
CA ARG A 77 -16.45 -18.47 42.14
C ARG A 77 -17.19 -19.72 41.66
N ASP A 78 -17.31 -19.93 40.36
CA ASP A 78 -18.09 -21.03 39.79
C ASP A 78 -17.14 -22.14 39.38
N ALA A 79 -16.96 -23.11 40.28
CA ALA A 79 -16.08 -24.27 40.08
C ALA A 79 -16.50 -25.16 38.91
N LEU A 80 -17.80 -25.17 38.59
CA LEU A 80 -18.28 -25.96 37.45
C LEU A 80 -17.81 -25.33 36.15
N LEU A 81 -17.91 -24.00 36.05
CA LEU A 81 -17.47 -23.29 34.84
C LEU A 81 -15.94 -23.34 34.69
N ARG A 82 -15.26 -23.37 35.84
CA ARG A 82 -13.80 -23.55 35.86
C ARG A 82 -13.45 -24.91 35.20
N GLN A 83 -14.17 -25.96 35.58
CA GLN A 83 -14.04 -27.28 34.90
C GLN A 83 -14.33 -27.17 33.42
N THR A 84 -15.42 -26.52 33.06
CA THR A 84 -15.75 -26.32 31.62
C THR A 84 -14.62 -25.71 30.83
N ILE A 85 -14.01 -24.67 31.38
CA ILE A 85 -12.89 -24.00 30.72
C ILE A 85 -11.69 -24.92 30.69
N ALA A 86 -11.44 -25.69 31.75
CA ALA A 86 -10.35 -26.68 31.68
C ALA A 86 -10.61 -27.74 30.58
N GLY A 87 -11.89 -28.07 30.37
CA GLY A 87 -12.27 -28.99 29.30
C GLY A 87 -12.04 -28.41 27.91
N LEU A 88 -12.09 -27.08 27.80
CA LEU A 88 -11.85 -26.42 26.49
C LEU A 88 -10.36 -26.53 26.11
N VAL A 89 -9.49 -26.27 27.08
CA VAL A 89 -8.04 -26.47 26.92
C VAL A 89 -7.79 -27.91 26.47
N LYS A 90 -8.45 -28.85 27.16
CA LYS A 90 -8.30 -30.26 26.86
C LYS A 90 -8.74 -30.55 25.42
N ARG A 91 -9.87 -29.99 25.01
CA ARG A 91 -10.32 -30.16 23.61
C ARG A 91 -9.34 -29.50 22.63
N GLN A 92 -8.88 -28.29 22.94
CA GLN A 92 -7.97 -27.58 22.06
C GLN A 92 -6.68 -28.37 21.82
N MET A 93 -6.06 -28.81 22.90
CA MET A 93 -4.82 -29.53 22.80
C MET A 93 -5.01 -30.87 22.05
N THR A 94 -6.12 -31.56 22.30
CA THR A 94 -6.43 -32.78 21.56
C THR A 94 -6.51 -32.48 20.06
N LEU A 95 -7.22 -31.41 19.70
CA LEU A 95 -7.32 -31.02 18.30
C LEU A 95 -5.96 -30.60 17.66
N VAL A 96 -5.11 -29.90 18.43
CA VAL A 96 -3.76 -29.61 17.98
C VAL A 96 -3.04 -30.93 17.60
N LEU A 97 -3.23 -31.99 18.40
CA LEU A 97 -2.59 -33.28 18.10
C LEU A 97 -3.20 -33.90 16.85
N LYS A 98 -4.49 -33.68 16.65
CA LYS A 98 -5.17 -34.07 15.42
C LYS A 98 -4.52 -33.45 14.14
N ASP A 99 -4.31 -32.14 14.16
CA ASP A 99 -3.59 -31.46 13.08
C ASP A 99 -3.13 -30.10 13.57
N PRO A 100 -1.81 -29.94 13.79
CA PRO A 100 -1.34 -28.72 14.38
C PRO A 100 -1.27 -27.55 13.37
N TYR A 101 -1.52 -27.84 12.10
CA TYR A 101 -1.63 -26.82 11.04
C TYR A 101 -3.05 -26.24 10.82
N ALA A 102 -4.08 -26.80 11.46
CA ALA A 102 -5.45 -26.34 11.18
C ALA A 102 -5.93 -25.19 12.10
N ASN A 103 -6.65 -24.21 11.56
CA ASN A 103 -7.25 -23.13 12.38
C ASN A 103 -8.59 -23.54 13.00
N SER A 104 -9.27 -24.49 12.35
CA SER A 104 -10.69 -24.74 12.61
C SER A 104 -11.01 -26.22 12.58
N PHE A 105 -11.92 -26.66 13.45
CA PHE A 105 -12.20 -28.07 13.68
C PHE A 105 -13.69 -28.37 13.86
N ASN A 106 -14.04 -29.60 13.48
CA ASN A 106 -15.38 -30.15 13.66
C ASN A 106 -15.59 -30.78 15.03
N ILE A 107 -16.87 -30.95 15.39
CA ILE A 107 -17.26 -31.55 16.70
C ILE A 107 -16.82 -33.00 16.83
N GLU A 108 -16.78 -33.69 15.69
CA GLU A 108 -16.28 -35.06 15.59
C GLU A 108 -15.71 -35.28 14.18
N GLU A 109 -15.27 -36.50 13.90
CA GLU A 109 -14.63 -36.81 12.62
C GLU A 109 -15.68 -36.99 11.52
N ASN A 110 -16.18 -35.87 11.01
CA ASN A 110 -17.37 -35.92 10.18
C ASN A 110 -17.17 -35.32 8.79
N TRP A 111 -16.02 -34.73 8.51
CA TRP A 111 -15.77 -34.16 7.18
C TRP A 111 -16.68 -32.97 6.79
N LYS A 112 -17.25 -32.29 7.79
CA LYS A 112 -17.89 -31.00 7.53
C LYS A 112 -16.83 -29.97 7.16
N GLY A 113 -17.21 -28.93 6.41
CA GLY A 113 -16.23 -27.89 6.06
C GLY A 113 -15.73 -27.90 4.64
N HIS A 114 -14.47 -27.50 4.46
CA HIS A 114 -14.01 -27.09 3.14
C HIS A 114 -13.20 -28.14 2.36
N HIS A 115 -13.26 -29.41 2.74
CA HIS A 115 -12.33 -30.39 2.11
C HIS A 115 -12.42 -30.42 0.57
N GLU A 116 -13.61 -30.20 0.00
CA GLU A 116 -13.82 -30.42 -1.43
C GLU A 116 -13.03 -29.48 -2.32
N THR A 117 -12.75 -28.27 -1.82
CA THR A 117 -12.03 -27.26 -2.56
C THR A 117 -10.56 -27.24 -2.17
N ASP A 118 -10.22 -27.91 -1.08
CA ASP A 118 -8.91 -27.71 -0.44
C ASP A 118 -7.90 -28.83 -0.68
N HIS A 119 -6.73 -28.44 -1.16
CA HIS A 119 -5.67 -29.37 -1.55
C HIS A 119 -4.52 -29.27 -0.59
N THR A 120 -4.52 -30.18 0.38
CA THR A 120 -3.56 -30.24 1.48
C THR A 120 -3.85 -31.58 2.16
N ASP A 121 -3.00 -32.03 3.09
CA ASP A 121 -3.28 -33.23 3.90
C ASP A 121 -4.44 -32.99 4.89
N LEU A 122 -5.48 -33.81 4.79
CA LEU A 122 -6.71 -33.59 5.53
C LEU A 122 -7.13 -34.80 6.32
N ASN A 123 -7.96 -34.57 7.32
CA ASN A 123 -8.72 -35.62 7.98
C ASN A 123 -10.07 -35.04 8.37
N GLY A 124 -10.95 -35.84 8.95
CA GLY A 124 -12.35 -35.48 9.05
C GLY A 124 -12.66 -34.55 10.21
N TRP A 125 -11.65 -34.34 11.07
CA TRP A 125 -11.73 -33.41 12.21
C TRP A 125 -11.56 -31.95 11.76
N ILE A 126 -10.99 -31.74 10.57
CA ILE A 126 -10.62 -30.39 10.11
C ILE A 126 -11.80 -29.72 9.39
N TRP A 127 -12.11 -28.48 9.77
CA TRP A 127 -13.12 -27.67 9.07
C TRP A 127 -12.40 -27.02 7.86
N GLU A 128 -11.32 -26.30 8.13
CA GLU A 128 -10.38 -25.95 7.05
C GLU A 128 -8.98 -25.97 7.64
N ARG A 129 -7.97 -26.14 6.80
CA ARG A 129 -6.61 -26.23 7.30
C ARG A 129 -5.78 -25.01 6.92
N LYS A 130 -6.25 -23.83 7.34
CA LYS A 130 -5.53 -22.58 7.10
C LYS A 130 -4.59 -22.42 8.27
N TYR A 131 -3.29 -22.43 8.02
CA TYR A 131 -2.34 -22.37 9.14
C TYR A 131 -2.08 -20.93 9.55
N GLU A 132 -2.41 -20.63 10.79
CA GLU A 132 -2.27 -19.30 11.37
C GLU A 132 -1.47 -19.43 12.66
N VAL A 133 -0.34 -18.74 12.74
CA VAL A 133 0.58 -18.91 13.88
C VAL A 133 -0.22 -18.76 15.20
N ASP A 134 -1.10 -17.76 15.26
CA ASP A 134 -1.84 -17.45 16.47
C ASP A 134 -2.78 -18.56 16.93
N SER A 135 -3.23 -19.40 16.00
CA SER A 135 -4.08 -20.58 16.36
C SER A 135 -3.41 -21.42 17.44
N LEU A 136 -2.09 -21.47 17.42
CA LEU A 136 -1.33 -22.28 18.38
C LEU A 136 -0.88 -21.48 19.61
N CYS A 137 -0.88 -20.15 19.50
CA CYS A 137 -0.67 -19.28 20.66
C CYS A 137 -1.87 -19.34 21.60
N TYR A 138 -3.06 -19.21 21.05
CA TYR A 138 -4.27 -19.05 21.83
C TYR A 138 -4.54 -20.17 22.84
N PRO A 139 -4.39 -21.45 22.44
CA PRO A 139 -4.59 -22.48 23.47
C PRO A 139 -3.58 -22.44 24.62
N LEU A 140 -2.33 -22.05 24.34
CA LEU A 140 -1.31 -21.94 25.41
C LEU A 140 -1.68 -20.75 26.31
N GLN A 141 -2.19 -19.71 25.68
CA GLN A 141 -2.64 -18.54 26.43
C GLN A 141 -3.82 -18.90 27.36
N LEU A 142 -4.75 -19.70 26.89
CA LEU A 142 -5.92 -20.06 27.70
C LEU A 142 -5.52 -20.90 28.91
N ALA A 143 -4.73 -21.94 28.65
CA ALA A 143 -4.13 -22.78 29.67
C ALA A 143 -3.42 -21.99 30.77
N TYR A 144 -2.53 -21.08 30.38
CA TYR A 144 -1.85 -20.19 31.30
C TYR A 144 -2.80 -19.28 32.09
N LEU A 145 -3.71 -18.62 31.38
CA LEU A 145 -4.61 -17.70 32.07
C LEU A 145 -5.58 -18.45 33.00
N LEU A 146 -5.96 -19.70 32.66
CA LEU A 146 -6.87 -20.47 33.53
C LEU A 146 -6.13 -20.73 34.82
N TRP A 147 -4.87 -21.15 34.67
CA TRP A 147 -3.97 -21.43 35.79
C TRP A 147 -3.79 -20.21 36.70
N LYS A 148 -3.35 -19.09 36.14
CA LYS A 148 -3.10 -17.88 36.92
C LYS A 148 -4.35 -17.23 37.57
N GLU A 149 -5.48 -17.22 36.85
CA GLU A 149 -6.70 -16.60 37.38
C GLU A 149 -7.39 -17.47 38.43
N THR A 150 -7.37 -18.79 38.24
CA THR A 150 -8.14 -19.70 39.12
C THR A 150 -7.28 -20.69 39.94
N GLY A 151 -6.06 -20.97 39.50
CA GLY A 151 -5.22 -21.99 40.16
C GLY A 151 -5.44 -23.38 39.60
N GLU A 152 -6.40 -23.54 38.69
CA GLU A 152 -6.67 -24.81 38.08
C GLU A 152 -5.44 -25.36 37.33
N THR A 153 -5.21 -26.65 37.49
CA THR A 153 -4.06 -27.26 36.86
C THR A 153 -4.41 -28.54 36.10
N SER A 154 -5.66 -29.02 36.19
CA SER A 154 -6.06 -30.27 35.55
C SER A 154 -5.90 -30.25 34.01
N GLN A 155 -5.88 -29.06 33.43
CA GLN A 155 -5.69 -28.92 31.98
C GLN A 155 -4.27 -29.32 31.56
N PHE A 156 -3.34 -29.38 32.52
CA PHE A 156 -1.94 -29.67 32.23
C PHE A 156 -1.64 -31.17 32.25
N ASP A 157 -2.32 -31.91 31.37
CA ASP A 157 -2.21 -33.38 31.30
C ASP A 157 -1.23 -33.90 30.24
N GLU A 158 -1.18 -35.21 30.00
CA GLU A 158 -0.31 -35.74 28.93
C GLU A 158 -0.60 -35.13 27.55
N ILE A 159 -1.87 -34.84 27.26
CA ILE A 159 -2.28 -34.26 25.97
C ILE A 159 -1.65 -32.88 25.84
N PHE A 160 -1.82 -32.09 26.89
CA PHE A 160 -1.14 -30.79 26.99
C PHE A 160 0.37 -30.87 26.70
N VAL A 161 1.06 -31.81 27.35
CA VAL A 161 2.51 -31.89 27.17
C VAL A 161 2.85 -32.24 25.71
N ALA A 162 2.18 -33.24 25.18
CA ALA A 162 2.37 -33.65 23.79
C ALA A 162 2.06 -32.52 22.82
N ALA A 163 0.94 -31.82 23.02
CA ALA A 163 0.57 -30.70 22.14
C ALA A 163 1.60 -29.57 22.21
N THR A 164 2.08 -29.26 23.41
CA THR A 164 3.12 -28.23 23.54
C THR A 164 4.34 -28.62 22.70
N LYS A 165 4.78 -29.88 22.82
CA LYS A 165 5.94 -30.37 22.05
C LYS A 165 5.68 -30.23 20.54
N GLU A 166 4.48 -30.58 20.10
CA GLU A 166 4.08 -30.39 18.71
C GLU A 166 4.19 -28.95 18.26
N ILE A 167 3.74 -28.01 19.10
CA ILE A 167 3.78 -26.60 18.73
C ILE A 167 5.21 -26.12 18.62
N LEU A 168 6.04 -26.49 19.59
CA LEU A 168 7.42 -26.03 19.61
C LEU A 168 8.15 -26.55 18.37
N HIS A 169 7.89 -27.82 18.03
CA HIS A 169 8.47 -28.46 16.85
C HIS A 169 8.04 -27.77 15.56
N LEU A 170 6.72 -27.61 15.39
CA LEU A 170 6.18 -26.91 14.23
C LEU A 170 6.74 -25.47 14.11
N TRP A 171 6.75 -24.72 15.20
CA TRP A 171 7.27 -23.36 15.15
C TRP A 171 8.73 -23.34 14.75
N THR A 172 9.46 -24.37 15.17
CA THR A 172 10.86 -24.49 14.83
C THR A 172 11.07 -24.80 13.34
N VAL A 173 10.40 -25.86 12.83
CA VAL A 173 10.43 -26.18 11.42
C VAL A 173 10.08 -24.90 10.65
N GLU A 174 9.08 -24.17 11.12
CA GLU A 174 8.67 -22.96 10.35
C GLU A 174 9.57 -21.72 10.52
N GLN A 175 10.67 -21.84 11.27
CA GLN A 175 11.75 -20.88 11.15
C GLN A 175 12.49 -20.94 9.79
N ASP A 176 12.29 -22.04 9.06
CA ASP A 176 12.69 -22.08 7.65
C ASP A 176 11.67 -22.87 6.86
N HIS A 177 10.68 -22.17 6.32
CA HIS A 177 9.55 -22.78 5.64
C HIS A 177 9.92 -23.73 4.45
N LYS A 178 11.14 -23.60 3.93
CA LYS A 178 11.63 -24.54 2.89
C LYS A 178 11.57 -25.99 3.36
N ASN A 179 11.60 -26.23 4.68
CA ASN A 179 11.55 -27.61 5.21
C ASN A 179 10.15 -28.03 5.59
N SER A 180 9.19 -27.18 5.29
CA SER A 180 7.83 -27.41 5.73
C SER A 180 7.11 -28.49 4.94
N PRO A 181 6.33 -29.34 5.64
CA PRO A 181 5.47 -30.30 4.97
C PRO A 181 4.11 -29.69 4.62
N TYR A 182 3.88 -28.43 5.00
CA TYR A 182 2.57 -27.79 4.80
C TYR A 182 2.49 -27.12 3.43
N ARG A 183 1.46 -27.49 2.66
CA ARG A 183 1.05 -26.80 1.42
C ARG A 183 -0.47 -26.63 1.42
N PHE A 184 -0.95 -25.50 0.90
CA PHE A 184 -2.39 -25.27 0.85
C PHE A 184 -2.80 -24.51 -0.44
N VAL A 185 -3.68 -25.11 -1.23
CA VAL A 185 -4.26 -24.49 -2.43
C VAL A 185 -5.75 -24.75 -2.39
N ARG A 186 -6.55 -23.70 -2.49
CA ARG A 186 -8.00 -23.84 -2.50
C ARG A 186 -8.51 -23.41 -3.85
N ASP A 187 -9.41 -24.22 -4.39
CA ASP A 187 -10.17 -23.92 -5.59
C ASP A 187 -11.05 -22.68 -5.34
N THR A 188 -10.55 -21.50 -5.71
CA THR A 188 -11.33 -20.28 -5.53
C THR A 188 -10.81 -19.24 -6.50
N ASP A 189 -11.65 -18.26 -6.84
CA ASP A 189 -11.20 -17.07 -7.55
C ASP A 189 -10.76 -15.96 -6.60
N ARG A 190 -10.93 -16.17 -5.29
CA ARG A 190 -10.54 -15.16 -4.31
C ARG A 190 -9.13 -15.47 -3.77
N LYS A 191 -8.19 -14.62 -4.14
CA LYS A 191 -6.77 -14.91 -3.89
C LYS A 191 -6.37 -14.90 -2.41
N GLU A 192 -7.05 -14.09 -1.62
CA GLU A 192 -6.83 -14.06 -0.16
C GLU A 192 -7.09 -15.42 0.49
N ASP A 193 -7.81 -16.31 -0.20
CA ASP A 193 -8.19 -17.59 0.39
C ASP A 193 -7.27 -18.76 0.01
N THR A 194 -6.14 -18.48 -0.62
CA THR A 194 -5.21 -19.55 -1.06
C THR A 194 -3.76 -19.07 -1.04
N LEU A 195 -2.80 -19.98 -1.17
CA LEU A 195 -1.37 -19.58 -1.10
C LEU A 195 -0.76 -19.55 -2.48
N VAL A 196 -0.03 -18.47 -2.76
CA VAL A 196 0.70 -18.32 -4.02
C VAL A 196 1.78 -19.40 -4.21
N ASN A 197 2.28 -19.52 -5.43
CA ASN A 197 3.37 -20.47 -5.74
C ASN A 197 2.94 -21.88 -5.44
N ASP A 198 1.75 -22.25 -5.93
CA ASP A 198 1.30 -23.65 -5.86
C ASP A 198 1.27 -24.15 -4.40
N GLY A 199 0.87 -23.27 -3.49
CA GLY A 199 0.57 -23.66 -2.10
C GLY A 199 1.70 -23.41 -1.15
N PHE A 200 2.82 -22.94 -1.70
CA PHE A 200 4.05 -22.70 -0.93
C PHE A 200 4.08 -21.33 -0.22
N GLY A 201 3.37 -20.36 -0.78
CA GLY A 201 3.40 -19.00 -0.24
C GLY A 201 4.50 -18.16 -0.87
N PRO A 202 4.55 -16.87 -0.47
CA PRO A 202 5.52 -15.94 -1.08
C PRO A 202 6.96 -16.15 -0.62
N ASP A 203 7.92 -15.58 -1.35
CA ASP A 203 9.35 -15.78 -1.05
C ASP A 203 9.68 -15.14 0.29
N PHE A 204 10.73 -15.65 0.92
CA PHE A 204 11.16 -15.10 2.17
C PHE A 204 12.63 -15.43 2.39
N ALA A 205 13.25 -14.79 3.37
CA ALA A 205 14.51 -15.28 3.91
C ALA A 205 14.27 -15.76 5.37
N VAL A 206 15.21 -16.55 5.89
CA VAL A 206 15.23 -16.93 7.30
C VAL A 206 15.49 -15.69 8.13
N THR A 207 14.65 -15.44 9.14
CA THR A 207 14.85 -14.28 10.02
C THR A 207 15.01 -14.65 11.49
N GLY A 208 14.67 -15.89 11.82
CA GLY A 208 14.52 -16.28 13.22
C GLY A 208 13.06 -16.27 13.66
N MET A 209 12.23 -15.45 13.01
CA MET A 209 10.78 -15.51 13.26
C MET A 209 10.18 -16.80 12.66
N THR A 210 8.91 -17.09 12.97
CA THR A 210 8.25 -18.31 12.50
C THR A 210 7.19 -17.95 11.46
N TRP A 211 7.17 -18.71 10.36
CA TRP A 211 6.34 -18.46 9.17
C TRP A 211 4.86 -18.76 9.43
N SER A 212 3.99 -17.98 8.84
CA SER A 212 2.56 -18.22 8.88
C SER A 212 2.02 -18.22 7.45
N ALA A 213 0.92 -18.97 7.22
CA ALA A 213 0.25 -18.98 5.92
C ALA A 213 -0.83 -17.90 5.83
N PHE A 214 -1.63 -17.79 6.89
CA PHE A 214 -2.79 -16.93 6.95
C PHE A 214 -2.74 -16.10 8.22
N ARG A 215 -3.53 -15.03 8.18
CA ARG A 215 -3.70 -14.12 9.30
C ARG A 215 -4.86 -14.60 10.19
N PRO A 216 -5.03 -13.99 11.40
CA PRO A 216 -6.22 -14.30 12.18
C PRO A 216 -7.52 -13.78 11.50
N SER A 217 -7.42 -13.11 10.35
CA SER A 217 -8.62 -12.79 9.53
C SER A 217 -9.07 -13.96 8.67
N ASP A 218 -8.21 -14.99 8.63
CA ASP A 218 -8.28 -16.12 7.69
C ASP A 218 -7.95 -15.76 6.23
N ASP A 219 -7.53 -14.52 5.95
CA ASP A 219 -6.94 -14.20 4.64
C ASP A 219 -5.42 -14.43 4.66
N CYS A 220 -4.84 -14.74 3.51
CA CYS A 220 -3.44 -15.14 3.47
C CYS A 220 -2.50 -13.97 3.74
N CYS A 221 -1.34 -14.27 4.33
CA CYS A 221 -0.28 -13.28 4.48
C CYS A 221 0.27 -12.82 3.13
N GLN A 222 0.58 -11.53 3.06
CA GLN A 222 1.30 -10.95 1.93
C GLN A 222 2.76 -11.28 2.06
N TYR A 223 3.31 -10.99 3.25
CA TYR A 223 4.64 -11.44 3.64
C TYR A 223 4.56 -12.42 4.81
N SER A 224 5.52 -13.34 4.88
CA SER A 224 5.35 -14.54 5.69
C SER A 224 5.58 -14.37 7.21
N TYR A 225 6.32 -13.33 7.59
CA TYR A 225 6.47 -13.08 9.02
C TYR A 225 5.49 -12.05 9.48
N LEU A 226 4.49 -12.56 10.19
CA LEU A 226 3.35 -11.77 10.60
C LEU A 226 3.74 -11.33 12.02
N ILE A 227 4.01 -10.04 12.16
CA ILE A 227 4.67 -9.50 13.33
C ILE A 227 3.80 -9.68 14.60
N PRO A 228 2.51 -9.33 14.55
CA PRO A 228 1.67 -9.55 15.75
C PRO A 228 1.58 -10.99 16.23
N SER A 229 1.58 -11.97 15.33
CA SER A 229 1.55 -13.37 15.76
C SER A 229 2.91 -13.80 16.32
N ASN A 230 4.01 -13.30 15.76
CA ASN A 230 5.31 -13.56 16.35
C ASN A 230 5.42 -12.83 17.70
N MET A 231 4.77 -11.70 17.86
CA MET A 231 4.73 -11.07 19.19
C MET A 231 4.02 -11.96 20.22
N PHE A 232 2.85 -12.49 19.84
CA PHE A 232 2.07 -13.41 20.65
C PHE A 232 2.87 -14.69 20.97
N ALA A 233 3.58 -15.25 19.96
CA ALA A 233 4.38 -16.44 20.16
C ALA A 233 5.45 -16.22 21.22
N VAL A 234 6.11 -15.06 21.19
CA VAL A 234 7.11 -14.73 22.22
C VAL A 234 6.49 -14.73 23.62
N VAL A 235 5.34 -14.08 23.76
CA VAL A 235 4.64 -14.11 25.05
C VAL A 235 4.29 -15.54 25.52
N VAL A 236 3.62 -16.31 24.67
CA VAL A 236 3.13 -17.61 25.12
C VAL A 236 4.28 -18.58 25.36
N LEU A 237 5.42 -18.36 24.66
CA LEU A 237 6.62 -19.17 24.89
C LEU A 237 7.16 -18.92 26.29
N GLY A 238 6.95 -17.71 26.81
CA GLY A 238 7.22 -17.38 28.23
C GLY A 238 6.30 -18.16 29.15
N TYR A 239 5.03 -18.25 28.80
CA TYR A 239 4.07 -19.02 29.59
C TYR A 239 4.49 -20.50 29.65
N VAL A 240 4.92 -21.06 28.51
CA VAL A 240 5.39 -22.46 28.46
C VAL A 240 6.51 -22.71 29.48
N GLN A 241 7.45 -21.80 29.56
CA GLN A 241 8.57 -21.95 30.48
C GLN A 241 8.11 -21.89 31.95
N GLU A 242 7.19 -20.96 32.25
CA GLU A 242 6.56 -20.86 33.56
C GLU A 242 5.78 -22.13 34.00
N ILE A 243 4.94 -22.65 33.10
CA ILE A 243 4.10 -23.80 33.40
C ILE A 243 4.99 -25.02 33.63
N PHE A 244 5.93 -25.29 32.71
CA PHE A 244 6.78 -26.50 32.87
C PHE A 244 7.65 -26.52 34.13
N ALA A 245 8.15 -25.33 34.52
CA ALA A 245 8.96 -25.13 35.73
C ALA A 245 8.14 -25.21 37.01
N ALA A 246 6.99 -24.52 37.06
CA ALA A 246 6.15 -24.58 38.25
C ALA A 246 5.57 -25.96 38.52
N LEU A 247 5.30 -26.73 37.47
CA LEU A 247 4.49 -27.92 37.66
C LEU A 247 5.19 -29.26 37.47
N ASN A 248 6.51 -29.23 37.30
CA ASN A 248 7.30 -30.46 37.09
C ASN A 248 6.66 -31.43 36.11
N LEU A 249 6.24 -30.94 34.95
CA LEU A 249 5.61 -31.79 33.94
C LEU A 249 6.70 -32.64 33.25
N ALA A 250 6.28 -33.77 32.69
CA ALA A 250 7.17 -34.65 31.91
C ALA A 250 8.07 -33.86 30.95
N ASP A 251 9.36 -34.15 31.02
CA ASP A 251 10.36 -33.57 30.12
C ASP A 251 10.49 -32.07 30.25
N SER A 252 10.31 -31.59 31.49
CA SER A 252 10.35 -30.15 31.72
C SER A 252 11.66 -29.52 31.23
N GLN A 253 12.78 -30.19 31.47
CA GLN A 253 14.06 -29.53 31.29
C GLN A 253 14.32 -29.22 29.81
N SER A 254 14.00 -30.20 28.99
CA SER A 254 14.12 -30.13 27.54
C SER A 254 13.11 -29.17 26.87
N VAL A 255 11.85 -29.20 27.34
CA VAL A 255 10.80 -28.30 26.85
C VAL A 255 11.09 -26.83 27.22
N ILE A 256 11.49 -26.58 28.47
CA ILE A 256 11.79 -25.22 28.92
C ILE A 256 12.92 -24.62 28.05
N ALA A 257 13.97 -25.41 27.84
CA ALA A 257 15.12 -24.99 27.02
C ALA A 257 14.78 -24.78 25.54
N ASP A 258 14.03 -25.71 24.94
CA ASP A 258 13.57 -25.57 23.56
CA ASP A 258 13.56 -25.56 23.57
C ASP A 258 12.71 -24.30 23.42
N ALA A 259 11.79 -24.10 24.36
CA ALA A 259 10.90 -22.94 24.37
C ALA A 259 11.68 -21.64 24.56
N LYS A 260 12.64 -21.66 25.45
CA LYS A 260 13.50 -20.48 25.68
C LYS A 260 14.33 -20.17 24.45
N ARG A 261 14.88 -21.20 23.82
CA ARG A 261 15.73 -21.01 22.62
C ARG A 261 14.87 -20.40 21.48
N LEU A 262 13.73 -21.01 21.17
CA LEU A 262 12.78 -20.47 20.18
C LEU A 262 12.37 -19.02 20.51
N GLN A 263 12.02 -18.76 21.77
CA GLN A 263 11.61 -17.42 22.19
C GLN A 263 12.65 -16.37 21.89
N ASP A 264 13.90 -16.67 22.26
CA ASP A 264 15.06 -15.80 21.97
C ASP A 264 15.28 -15.55 20.48
N GLU A 265 15.13 -16.60 19.67
CA GLU A 265 15.34 -16.48 18.23
C GLU A 265 14.22 -15.65 17.57
N ILE A 266 13.00 -15.86 18.03
CA ILE A 266 11.85 -15.12 17.46
C ILE A 266 12.02 -13.68 17.88
N GLN A 267 12.35 -13.44 19.16
CA GLN A 267 12.59 -12.07 19.64
C GLN A 267 13.75 -11.35 18.89
N GLU A 268 14.87 -12.04 18.69
CA GLU A 268 15.98 -11.49 17.87
C GLU A 268 15.51 -11.19 16.41
N GLY A 269 14.75 -12.12 15.84
CA GLY A 269 14.08 -11.91 14.55
C GLY A 269 13.20 -10.64 14.44
N ILE A 270 12.35 -10.42 15.45
CA ILE A 270 11.56 -9.19 15.53
C ILE A 270 12.50 -7.97 15.54
N LYS A 271 13.54 -8.02 16.35
CA LYS A 271 14.44 -6.89 16.50
C LYS A 271 15.14 -6.55 15.18
N ASN A 272 15.53 -7.57 14.45
CA ASN A 272 16.29 -7.39 13.23
C ASN A 272 15.42 -7.04 12.03
N TYR A 273 14.14 -7.43 12.04
CA TYR A 273 13.33 -7.35 10.82
C TYR A 273 11.96 -6.69 10.92
N ALA A 274 11.45 -6.53 12.14
CA ALA A 274 10.05 -6.10 12.34
C ALA A 274 9.79 -4.60 12.27
N TYR A 275 10.84 -3.80 12.23
CA TYR A 275 10.66 -2.34 12.28
C TYR A 275 10.78 -1.71 10.93
N THR A 276 9.94 -0.71 10.72
CA THR A 276 10.06 0.15 9.58
C THR A 276 9.85 1.62 10.05
N THR A 277 9.55 2.51 9.10
CA THR A 277 9.51 3.93 9.36
C THR A 277 8.23 4.48 8.75
N ASN A 278 7.56 5.39 9.44
CA ASN A 278 6.36 6.02 8.86
C ASN A 278 6.65 7.32 8.06
N SER A 279 5.59 7.94 7.53
CA SER A 279 5.72 9.13 6.70
C SER A 279 6.56 10.22 7.40
N LYS A 280 6.41 10.33 8.73
CA LYS A 280 7.12 11.36 9.51
C LYS A 280 8.53 10.95 9.95
N GLY A 281 8.96 9.76 9.56
CA GLY A 281 10.29 9.28 9.90
C GLY A 281 10.40 8.59 11.26
N GLU A 282 9.28 8.30 11.90
CA GLU A 282 9.36 7.63 13.18
C GLU A 282 9.48 6.16 13.00
N LYS A 283 10.30 5.53 13.83
CA LYS A 283 10.33 4.09 13.95
C LYS A 283 8.99 3.52 14.43
N ILE A 284 8.50 2.49 13.71
CA ILE A 284 7.21 1.82 14.00
C ILE A 284 7.40 0.33 13.75
N TYR A 285 6.45 -0.48 14.23
CA TYR A 285 6.36 -1.88 13.83
C TYR A 285 5.69 -2.03 12.47
N ALA A 286 6.26 -2.90 11.64
CA ALA A 286 5.61 -3.36 10.40
C ALA A 286 4.54 -4.38 10.78
N PHE A 287 3.56 -4.56 9.91
CA PHE A 287 2.54 -5.64 10.06
C PHE A 287 3.07 -6.99 9.60
N GLU A 288 3.56 -7.06 8.34
CA GLU A 288 4.19 -8.30 7.80
C GLU A 288 5.53 -7.98 7.14
N VAL A 289 6.54 -8.83 7.35
CA VAL A 289 7.83 -8.71 6.63
C VAL A 289 8.23 -10.06 6.03
N ASP A 290 9.11 -10.05 5.05
CA ASP A 290 9.55 -11.31 4.41
C ASP A 290 11.01 -11.62 4.71
N GLY A 291 11.73 -10.68 5.30
CA GLY A 291 13.15 -10.91 5.61
C GLY A 291 14.00 -10.59 4.40
N LEU A 292 13.38 -10.14 3.31
CA LEU A 292 14.11 -9.77 2.10
C LEU A 292 14.08 -8.27 1.92
N GLY A 293 13.46 -7.56 2.85
CA GLY A 293 13.43 -6.09 2.80
C GLY A 293 12.07 -5.48 2.63
N ASN A 294 11.05 -6.30 2.35
CA ASN A 294 9.69 -5.81 2.26
C ASN A 294 9.04 -5.79 3.63
N ALA A 295 8.20 -4.80 3.88
CA ALA A 295 7.61 -4.61 5.19
C ALA A 295 6.38 -3.73 5.02
N SER A 296 5.20 -4.30 5.30
CA SER A 296 3.94 -3.56 5.09
C SER A 296 3.64 -2.63 6.27
N ILE A 297 2.98 -1.51 5.99
CA ILE A 297 2.60 -0.52 7.00
C ILE A 297 1.09 -0.49 7.01
N MET A 298 0.52 -1.16 8.00
CA MET A 298 -0.90 -1.31 8.12
C MET A 298 -1.19 -1.98 9.49
N ASP A 299 -2.45 -2.28 9.74
CA ASP A 299 -2.84 -3.22 10.79
C ASP A 299 -4.15 -3.81 10.36
N ASP A 300 -4.44 -5.01 10.86
CA ASP A 300 -5.70 -5.67 10.59
C ASP A 300 -6.42 -5.78 11.95
N PRO A 301 -7.76 -5.63 11.95
CA PRO A 301 -8.54 -5.58 13.19
C PRO A 301 -8.46 -6.87 14.04
N ASN A 302 -8.22 -8.01 13.40
CA ASN A 302 -8.20 -9.29 14.10
C ASN A 302 -7.02 -9.41 15.06
N VAL A 303 -7.26 -10.03 16.21
CA VAL A 303 -6.24 -10.21 17.24
C VAL A 303 -5.63 -11.60 17.09
N PRO A 304 -4.28 -11.71 17.09
CA PRO A 304 -3.28 -10.66 17.32
C PRO A 304 -3.09 -9.65 16.19
N SER A 305 -3.04 -8.38 16.59
CA SER A 305 -2.80 -7.25 15.71
C SER A 305 -1.65 -6.43 16.30
N LEU A 306 -1.11 -5.48 15.54
CA LEU A 306 -0.19 -4.50 16.17
C LEU A 306 -0.87 -3.71 17.29
N LEU A 307 -2.07 -3.22 17.02
CA LEU A 307 -2.86 -2.46 17.99
C LEU A 307 -2.98 -3.22 19.34
N ALA A 308 -3.16 -4.53 19.24
CA ALA A 308 -3.35 -5.41 20.43
C ALA A 308 -2.08 -5.79 21.19
N ALA A 309 -0.91 -5.37 20.71
CA ALA A 309 0.33 -5.80 21.32
C ALA A 309 0.39 -5.64 22.87
N PRO A 310 -0.02 -4.50 23.44
CA PRO A 310 0.01 -4.45 24.91
C PRO A 310 -1.04 -5.36 25.55
N TYR A 311 -2.21 -5.49 24.91
CA TYR A 311 -3.25 -6.40 25.37
C TYR A 311 -2.80 -7.86 25.47
N LEU A 312 -1.98 -8.29 24.51
CA LEU A 312 -1.44 -9.67 24.54
C LEU A 312 -0.24 -9.82 25.45
N GLY A 313 0.25 -8.70 26.03
CA GLY A 313 1.36 -8.74 26.98
C GLY A 313 2.73 -8.59 26.34
N TYR A 314 2.78 -8.17 25.07
CA TYR A 314 4.08 -8.14 24.40
C TYR A 314 4.88 -6.91 24.81
N CYS A 315 4.20 -5.78 24.95
CA CYS A 315 4.87 -4.51 25.33
C CYS A 315 3.99 -3.65 26.23
N SER A 316 4.56 -2.59 26.80
CA SER A 316 3.80 -1.60 27.55
C SER A 316 2.99 -0.71 26.57
N VAL A 317 1.74 -0.42 26.93
CA VAL A 317 0.95 0.60 26.24
C VAL A 317 1.74 1.93 26.15
N ASP A 318 2.64 2.19 27.11
CA ASP A 318 3.45 3.40 27.15
C ASP A 318 4.67 3.41 26.22
N ASP A 319 5.02 2.25 25.65
CA ASP A 319 6.20 2.12 24.79
C ASP A 319 6.13 3.10 23.61
N GLU A 320 7.22 3.84 23.40
CA GLU A 320 7.31 4.86 22.36
C GLU A 320 7.09 4.35 20.94
N VAL A 321 7.64 3.18 20.62
CA VAL A 321 7.48 2.62 19.28
C VAL A 321 6.05 2.10 19.10
N TYR A 322 5.51 1.47 20.15
CA TYR A 322 4.10 1.10 20.11
C TYR A 322 3.21 2.33 19.87
N GLN A 323 3.47 3.42 20.58
CA GLN A 323 2.62 4.61 20.45
C GLN A 323 2.67 5.22 19.04
N ALA A 324 3.88 5.30 18.50
CA ALA A 324 4.07 5.72 17.12
C ALA A 324 3.35 4.78 16.13
N THR A 325 3.41 3.48 16.40
CA THR A 325 2.70 2.50 15.56
C THR A 325 1.21 2.77 15.68
N ARG A 326 0.74 2.92 16.91
CA ARG A 326 -0.68 3.17 17.15
C ARG A 326 -1.20 4.39 16.38
N ARG A 327 -0.46 5.51 16.43
CA ARG A 327 -0.83 6.73 15.70
C ARG A 327 -0.87 6.48 14.20
N THR A 328 0.04 5.66 13.69
CA THR A 328 0.06 5.34 12.26
C THR A 328 -1.12 4.47 11.85
N ILE A 329 -1.39 3.44 12.65
CA ILE A 329 -2.56 2.54 12.48
C ILE A 329 -3.89 3.25 12.49
N LEU A 330 -4.10 4.16 13.44
CA LEU A 330 -5.37 4.88 13.56
C LEU A 330 -5.32 6.18 12.75
N SER A 331 -4.85 6.07 11.51
CA SER A 331 -4.80 7.20 10.58
C SER A 331 -4.92 6.67 9.16
N SER A 332 -5.15 7.58 8.22
CA SER A 332 -5.24 7.19 6.79
C SER A 332 -3.91 6.63 6.20
N GLU A 333 -2.83 6.67 6.96
CA GLU A 333 -1.55 6.08 6.54
C GLU A 333 -1.67 4.54 6.49
N ASN A 334 -2.59 4.04 7.30
CA ASN A 334 -3.04 2.66 7.27
C ASN A 334 -4.12 2.53 6.20
N PRO A 335 -3.89 1.70 5.15
CA PRO A 335 -4.88 1.60 4.05
C PRO A 335 -6.25 0.99 4.48
N TYR A 336 -6.32 0.50 5.72
CA TYR A 336 -7.52 -0.16 6.23
C TYR A 336 -8.25 0.70 7.24
N PHE A 337 -7.75 1.92 7.43
CA PHE A 337 -8.39 2.86 8.32
C PHE A 337 -9.46 3.58 7.55
N TYR A 338 -10.72 3.45 7.98
CA TYR A 338 -11.88 4.04 7.27
C TYR A 338 -12.61 5.03 8.14
N GLN A 339 -13.19 6.04 7.51
CA GLN A 339 -13.77 7.14 8.25
C GLN A 339 -15.12 7.44 7.68
N GLY A 340 -16.15 7.41 8.53
CA GLY A 340 -17.49 7.75 8.06
C GLY A 340 -18.28 8.57 9.07
N GLU A 341 -19.56 8.76 8.78
CA GLU A 341 -20.46 9.54 9.64
C GLU A 341 -20.62 9.01 11.04
N TYR A 342 -20.67 7.68 11.21
CA TYR A 342 -20.97 7.06 12.50
C TYR A 342 -19.74 6.71 13.31
N ALA A 343 -18.68 6.33 12.63
CA ALA A 343 -17.46 5.92 13.32
C ALA A 343 -16.27 5.98 12.39
N SER A 344 -15.09 5.90 12.98
CA SER A 344 -13.83 5.70 12.25
C SER A 344 -13.12 4.50 12.89
N GLY A 345 -12.45 3.68 12.09
CA GLY A 345 -11.83 2.51 12.64
C GLY A 345 -11.27 1.64 11.56
N LEU A 346 -11.18 0.35 11.85
CA LEU A 346 -10.36 -0.55 11.08
C LEU A 346 -11.14 -1.60 10.30
N GLY A 347 -10.94 -1.60 8.98
CA GLY A 347 -11.47 -2.60 8.10
C GLY A 347 -10.43 -3.67 7.85
N SER A 348 -10.72 -4.53 6.89
CA SER A 348 -9.90 -5.73 6.67
C SER A 348 -10.00 -6.10 5.21
N SER A 349 -8.92 -6.68 4.67
CA SER A 349 -9.01 -7.39 3.38
C SER A 349 -10.18 -8.41 3.40
N HIS A 350 -10.61 -8.84 4.59
CA HIS A 350 -11.58 -9.91 4.73
C HIS A 350 -13.01 -9.42 4.63
N THR A 351 -13.21 -8.12 4.75
CA THR A 351 -14.58 -7.59 4.81
C THR A 351 -14.78 -6.54 3.72
N PHE A 352 -16.02 -6.09 3.50
CA PHE A 352 -16.31 -5.14 2.44
C PHE A 352 -15.68 -3.80 2.75
N TYR A 353 -15.35 -3.07 1.69
CA TYR A 353 -14.78 -1.76 1.80
C TYR A 353 -15.70 -0.79 2.58
N ARG A 354 -15.11 0.06 3.46
CA ARG A 354 -15.89 1.00 4.30
C ARG A 354 -16.48 0.34 5.57
N TYR A 355 -16.33 -0.97 5.73
CA TYR A 355 -16.82 -1.65 6.91
C TYR A 355 -15.67 -1.79 7.90
N ILE A 356 -15.91 -1.38 9.15
CA ILE A 356 -14.89 -1.44 10.19
C ILE A 356 -15.33 -2.44 11.28
N TRP A 357 -14.38 -2.84 12.11
CA TRP A 357 -14.61 -3.96 13.01
C TRP A 357 -14.82 -3.54 14.46
N PRO A 358 -15.96 -3.94 15.08
CA PRO A 358 -16.08 -3.77 16.54
C PRO A 358 -14.93 -4.39 17.36
N ILE A 359 -14.37 -5.53 16.94
CA ILE A 359 -13.24 -6.09 17.69
C ILE A 359 -12.12 -5.09 17.82
N ALA A 360 -11.85 -4.30 16.77
CA ALA A 360 -10.69 -3.38 16.84
C ALA A 360 -11.06 -2.14 17.66
N LEU A 361 -12.34 -1.80 17.70
CA LEU A 361 -12.78 -0.69 18.55
C LEU A 361 -12.59 -1.07 20.00
N SER A 362 -12.85 -2.34 20.30
CA SER A 362 -12.72 -2.84 21.65
C SER A 362 -11.27 -2.86 22.02
N ILE A 363 -10.44 -3.39 21.11
CA ILE A 363 -9.01 -3.44 21.36
C ILE A 363 -8.41 -2.04 21.51
N GLN A 364 -8.89 -1.09 20.70
CA GLN A 364 -8.47 0.28 20.78
C GLN A 364 -8.75 0.81 22.19
N GLY A 365 -9.94 0.50 22.72
CA GLY A 365 -10.27 0.85 24.11
C GLY A 365 -9.41 0.16 25.15
N LEU A 366 -9.13 -1.13 24.94
CA LEU A 366 -8.29 -1.90 25.85
C LEU A 366 -6.84 -1.45 25.87
N THR A 367 -6.40 -0.68 24.88
CA THR A 367 -4.98 -0.36 24.74
C THR A 367 -4.72 1.14 24.82
N THR A 368 -5.53 1.81 25.63
CA THR A 368 -5.32 3.21 25.95
C THR A 368 -5.58 3.34 27.43
N ARG A 369 -4.80 4.20 28.10
CA ARG A 369 -5.02 4.52 29.53
C ARG A 369 -6.21 5.49 29.70
N ASP A 370 -6.58 6.12 28.60
CA ASP A 370 -7.54 7.22 28.61
C ASP A 370 -8.96 6.72 28.79
N LYS A 371 -9.51 6.91 29.99
CA LYS A 371 -10.86 6.42 30.33
C LYS A 371 -11.96 7.06 29.49
N ALA A 372 -11.81 8.31 29.10
CA ALA A 372 -12.78 8.98 28.26
C ALA A 372 -12.80 8.35 26.87
N GLU A 373 -11.65 7.81 26.42
CA GLU A 373 -11.60 7.14 25.13
C GLU A 373 -12.27 5.76 25.24
N LYS A 374 -12.04 5.06 26.35
CA LYS A 374 -12.71 3.78 26.61
C LYS A 374 -14.23 3.96 26.61
N LYS A 375 -14.69 4.99 27.31
CA LYS A 375 -16.11 5.27 27.40
C LYS A 375 -16.67 5.66 26.03
N PHE A 376 -15.92 6.42 25.26
CA PHE A 376 -16.36 6.80 23.92
C PHE A 376 -16.54 5.55 23.02
N LEU A 377 -15.58 4.63 23.09
CA LEU A 377 -15.58 3.50 22.21
C LEU A 377 -16.72 2.57 22.63
N LEU A 378 -16.93 2.37 23.93
CA LEU A 378 -18.09 1.62 24.38
C LEU A 378 -19.41 2.20 23.86
N ASP A 379 -19.60 3.51 24.00
CA ASP A 379 -20.82 4.19 23.54
C ASP A 379 -20.99 3.98 22.03
N GLN A 380 -19.93 4.18 21.27
CA GLN A 380 -19.97 3.97 19.84
C GLN A 380 -20.28 2.49 19.51
N LEU A 381 -19.73 1.55 20.31
CA LEU A 381 -20.00 0.12 20.05
C LEU A 381 -21.48 -0.20 20.13
N VAL A 382 -22.11 0.37 21.14
CA VAL A 382 -23.52 0.19 21.42
C VAL A 382 -24.36 0.92 20.36
N ALA A 383 -23.94 2.11 19.95
CA ALA A 383 -24.68 2.92 18.96
C ALA A 383 -24.54 2.39 17.53
N CYS A 384 -23.49 1.61 17.28
CA CYS A 384 -23.27 1.11 15.92
C CYS A 384 -23.59 -0.37 15.78
N ASP A 385 -24.67 -0.80 16.47
CA ASP A 385 -25.07 -2.20 16.46
C ASP A 385 -26.22 -2.48 15.49
N GLY A 386 -26.61 -1.52 14.66
CA GLY A 386 -27.72 -1.77 13.71
C GLY A 386 -29.04 -2.13 14.39
N GLY A 387 -29.17 -1.78 15.67
CA GLY A 387 -30.39 -2.00 16.44
C GLY A 387 -30.50 -3.44 16.90
N THR A 388 -29.42 -4.22 16.76
CA THR A 388 -29.43 -5.64 17.14
C THR A 388 -29.12 -5.95 18.61
N GLY A 389 -28.36 -5.08 19.26
CA GLY A 389 -27.95 -5.31 20.66
C GLY A 389 -26.80 -6.30 20.83
N VAL A 390 -26.16 -6.70 19.74
CA VAL A 390 -24.97 -7.56 19.80
C VAL A 390 -23.85 -7.01 18.90
N MET A 391 -22.68 -7.66 18.93
CA MET A 391 -21.51 -7.19 18.15
C MET A 391 -21.40 -7.95 16.83
N HIS A 392 -21.12 -7.21 15.75
CA HIS A 392 -20.94 -7.82 14.45
C HIS A 392 -19.46 -7.95 14.10
N GLU A 393 -19.16 -8.61 12.99
CA GLU A 393 -17.80 -8.70 12.48
C GLU A 393 -17.33 -7.34 11.99
N SER A 394 -18.17 -6.72 11.14
CA SER A 394 -17.88 -5.40 10.59
C SER A 394 -19.20 -4.71 10.27
N PHE A 395 -19.20 -3.36 10.24
CA PHE A 395 -20.39 -2.53 9.90
C PHE A 395 -19.94 -1.31 9.08
N HIS A 396 -20.77 -0.85 8.13
CA HIS A 396 -20.41 0.33 7.28
C HIS A 396 -20.30 1.61 8.15
N VAL A 397 -19.19 2.35 8.04
CA VAL A 397 -18.97 3.62 8.79
C VAL A 397 -20.08 4.67 8.59
N ASP A 398 -20.78 4.59 7.46
CA ASP A 398 -21.85 5.55 7.16
C ASP A 398 -23.26 5.02 7.46
N ASP A 399 -23.35 3.74 7.85
CA ASP A 399 -24.65 3.12 8.14
C ASP A 399 -24.47 1.74 8.81
N PRO A 400 -24.48 1.72 10.16
CA PRO A 400 -24.23 0.45 10.85
C PRO A 400 -25.33 -0.64 10.77
N THR A 401 -26.49 -0.36 10.16
CA THR A 401 -27.42 -1.45 9.80
C THR A 401 -26.89 -2.27 8.61
N LEU A 402 -25.84 -1.78 7.95
CA LEU A 402 -25.10 -2.59 6.99
C LEU A 402 -23.96 -3.27 7.73
N TYR A 403 -24.03 -4.57 7.93
CA TYR A 403 -22.97 -5.28 8.68
C TYR A 403 -22.74 -6.72 8.24
N SER A 404 -21.64 -7.31 8.70
CA SER A 404 -21.41 -8.74 8.47
C SER A 404 -21.44 -9.50 9.79
N ARG A 405 -21.91 -10.74 9.71
CA ARG A 405 -21.98 -11.72 10.79
C ARG A 405 -22.97 -11.34 11.85
N GLU A 406 -24.20 -11.80 11.66
CA GLU A 406 -25.25 -11.67 12.64
C GLU A 406 -24.81 -12.12 14.04
N TRP A 407 -24.12 -13.27 14.09
CA TRP A 407 -23.83 -13.92 15.34
CA TRP A 407 -23.83 -13.95 15.35
C TRP A 407 -22.34 -14.23 15.37
N PHE A 408 -21.60 -13.38 16.05
CA PHE A 408 -20.16 -13.53 16.06
C PHE A 408 -19.72 -13.45 17.52
N SER A 409 -19.58 -14.62 18.14
CA SER A 409 -19.38 -14.71 19.58
C SER A 409 -18.04 -14.05 20.02
N TRP A 410 -16.96 -14.32 19.29
CA TRP A 410 -15.71 -13.64 19.63
C TRP A 410 -15.92 -12.12 19.78
N ALA A 411 -16.55 -11.48 18.80
CA ALA A 411 -16.75 -10.02 18.89
C ALA A 411 -17.63 -9.60 20.07
N ASN A 412 -18.66 -10.39 20.36
CA ASN A 412 -19.49 -10.15 21.54
C ASN A 412 -18.64 -10.13 22.78
N MET A 413 -17.69 -11.07 22.87
CA MET A 413 -16.86 -11.16 24.09
C MET A 413 -15.79 -10.05 24.24
N MET A 414 -15.28 -9.52 23.12
CA MET A 414 -14.40 -8.37 23.15
C MET A 414 -15.12 -7.11 23.65
N PHE A 415 -16.42 -6.97 23.35
CA PHE A 415 -17.21 -5.90 23.95
C PHE A 415 -17.26 -6.10 25.46
N CYS A 416 -17.49 -7.33 25.89
CA CYS A 416 -17.47 -7.63 27.31
C CYS A 416 -16.12 -7.27 27.94
N GLU A 417 -15.00 -7.61 27.28
CA GLU A 417 -13.65 -7.33 27.79
C GLU A 417 -13.50 -5.85 28.13
N LEU A 418 -13.86 -4.98 27.18
CA LEU A 418 -13.74 -3.55 27.39
C LEU A 418 -14.63 -2.99 28.51
N VAL A 419 -15.83 -3.53 28.68
CA VAL A 419 -16.72 -3.09 29.76
C VAL A 419 -16.07 -3.44 31.10
N LEU A 420 -15.55 -4.65 31.18
CA LEU A 420 -14.90 -5.13 32.41
C LEU A 420 -13.64 -4.29 32.70
N ASP A 421 -12.90 -3.96 31.65
CA ASP A 421 -11.73 -3.10 31.75
C ASP A 421 -12.12 -1.70 32.24
N TYR A 422 -13.22 -1.17 31.71
CA TYR A 422 -13.72 0.11 32.17
C TYR A 422 -14.14 0.13 33.67
N LEU A 423 -14.71 -0.96 34.16
CA LEU A 423 -15.15 -1.04 35.55
C LEU A 423 -14.03 -1.56 36.46
N ASP A 424 -12.82 -1.57 35.93
CA ASP A 424 -11.66 -2.11 36.61
C ASP A 424 -11.85 -3.51 37.13
N ILE A 425 -12.48 -4.36 36.33
CA ILE A 425 -12.61 -5.77 36.68
C ILE A 425 -11.52 -6.63 36.04
N ARG A 426 -10.55 -6.90 36.91
CA ARG A 426 -9.47 -7.85 36.68
C ARG A 426 -8.90 -8.28 38.04
N MET B 1 25.53 27.26 -33.12
CA MET B 1 24.50 28.35 -32.94
C MET B 1 23.09 27.81 -32.70
N VAL B 2 22.63 27.89 -31.46
CA VAL B 2 21.33 27.30 -31.11
C VAL B 2 20.30 28.37 -30.69
N TYR B 3 20.81 29.54 -30.32
CA TYR B 3 20.00 30.70 -29.94
C TYR B 3 20.75 32.00 -30.13
N SER B 4 20.03 33.12 -29.97
CA SER B 4 20.62 34.41 -30.03
C SER B 4 20.92 34.85 -28.61
N LYS B 5 22.20 35.02 -28.31
CA LYS B 5 22.61 35.31 -26.95
C LYS B 5 22.07 36.66 -26.56
N GLU B 6 22.10 37.59 -27.51
CA GLU B 6 21.62 38.93 -27.29
C GLU B 6 20.11 38.99 -26.97
N ILE B 7 19.30 38.29 -27.77
CA ILE B 7 17.85 38.31 -27.49
C ILE B 7 17.55 37.60 -26.16
N VAL B 8 18.19 36.46 -25.95
CA VAL B 8 17.95 35.70 -24.72
C VAL B 8 18.34 36.51 -23.47
N ARG B 9 19.46 37.22 -23.55
CA ARG B 9 19.94 37.97 -22.40
C ARG B 9 19.00 39.12 -22.07
N GLU B 10 18.49 39.79 -23.11
CA GLU B 10 17.46 40.82 -22.92
C GLU B 10 16.21 40.26 -22.28
N TRP B 11 15.73 39.10 -22.75
CA TRP B 11 14.51 38.47 -22.15
C TRP B 11 14.76 38.16 -20.66
N LEU B 12 15.89 37.53 -20.34
CA LEU B 12 16.31 37.31 -18.95
C LEU B 12 16.42 38.59 -18.10
N ASP B 13 16.93 39.66 -18.68
CA ASP B 13 16.94 40.96 -17.97
C ASP B 13 15.54 41.39 -17.57
N GLU B 14 14.59 41.23 -18.50
CA GLU B 14 13.19 41.58 -18.23
C GLU B 14 12.58 40.71 -17.15
N VAL B 15 12.85 39.41 -17.20
CA VAL B 15 12.39 38.49 -16.15
C VAL B 15 13.00 38.92 -14.80
N ALA B 16 14.30 39.23 -14.78
CA ALA B 16 14.97 39.59 -13.51
C ALA B 16 14.34 40.85 -12.89
N GLU B 17 14.02 41.81 -13.75
CA GLU B 17 13.32 43.05 -13.35
C GLU B 17 11.93 42.77 -12.73
N ARG B 18 11.13 41.98 -13.40
CA ARG B 18 9.87 41.55 -12.83
C ARG B 18 10.04 40.82 -11.51
N ALA B 19 11.11 40.02 -11.39
CA ALA B 19 11.40 39.29 -10.16
C ALA B 19 12.35 40.01 -9.21
N LYS B 20 12.50 41.32 -9.38
CA LYS B 20 13.45 42.09 -8.58
C LYS B 20 13.30 41.93 -7.05
N ASP B 21 12.10 41.65 -6.57
CA ASP B 21 11.91 41.45 -5.14
C ASP B 21 12.30 40.05 -4.64
N TYR B 22 12.77 39.20 -5.57
CA TYR B 22 13.08 37.80 -5.30
C TYR B 22 14.49 37.45 -5.83
N PRO B 23 15.56 38.12 -5.30
CA PRO B 23 16.93 37.91 -5.77
C PRO B 23 17.39 36.46 -5.73
N GLU B 24 16.91 35.67 -4.78
CA GLU B 24 17.40 34.31 -4.65
C GLU B 24 16.80 33.45 -5.75
N TRP B 25 15.55 33.71 -6.13
CA TRP B 25 14.96 32.99 -7.26
C TRP B 25 15.69 33.35 -8.55
N VAL B 26 15.99 34.64 -8.74
CA VAL B 26 16.67 35.13 -9.96
C VAL B 26 17.98 34.38 -10.19
N ASP B 27 18.78 34.28 -9.14
CA ASP B 27 20.08 33.58 -9.14
C ASP B 27 19.93 32.15 -9.68
N VAL B 28 19.00 31.41 -9.09
CA VAL B 28 18.78 30.02 -9.48
C VAL B 28 18.18 29.93 -10.92
N PHE B 29 17.23 30.83 -11.20
CA PHE B 29 16.55 30.86 -12.51
C PHE B 29 17.56 30.96 -13.66
N GLU B 30 18.44 31.95 -13.57
CA GLU B 30 19.42 32.22 -14.62
C GLU B 30 20.36 31.06 -14.78
N ARG B 31 20.80 30.51 -13.67
CA ARG B 31 21.74 29.40 -13.73
C ARG B 31 21.07 28.16 -14.40
N CYS B 32 19.86 27.81 -13.97
CA CYS B 32 19.12 26.70 -14.59
C CYS B 32 18.82 26.93 -16.08
N TYR B 33 18.22 28.09 -16.37
CA TYR B 33 17.85 28.53 -17.72
C TYR B 33 19.04 28.53 -18.69
N THR B 34 20.15 29.16 -18.31
CA THR B 34 21.37 29.12 -19.13
C THR B 34 21.95 27.69 -19.32
N ASP B 35 22.00 26.89 -18.25
CA ASP B 35 22.61 25.57 -18.32
C ASP B 35 21.99 24.72 -19.44
N THR B 36 20.66 24.64 -19.46
CA THR B 36 19.98 23.82 -20.43
C THR B 36 20.44 24.16 -21.83
N LEU B 37 20.36 25.43 -22.15
CA LEU B 37 20.74 25.98 -23.45
C LEU B 37 22.19 25.73 -23.81
N ASP B 38 23.09 25.96 -22.87
CA ASP B 38 24.52 25.95 -23.24
C ASP B 38 25.14 24.56 -23.17
N ASN B 39 24.53 23.64 -22.41
CA ASN B 39 25.16 22.35 -22.09
C ASN B 39 24.36 21.09 -22.41
N THR B 40 23.06 21.22 -22.71
CA THR B 40 22.30 20.03 -23.10
C THR B 40 21.86 19.92 -24.55
N VAL B 41 21.90 21.04 -25.31
CA VAL B 41 21.35 21.14 -26.67
C VAL B 41 22.44 21.15 -27.75
N GLU B 42 22.33 20.27 -28.75
CA GLU B 42 23.14 20.42 -29.98
C GLU B 42 22.42 20.17 -31.30
N ILE B 43 22.82 20.96 -32.30
CA ILE B 43 22.30 20.84 -33.67
C ILE B 43 23.12 19.75 -34.37
N LEU B 44 22.45 18.79 -35.01
CA LEU B 44 23.13 17.72 -35.74
C LEU B 44 23.33 18.13 -37.19
N GLU B 45 24.15 17.40 -37.94
CA GLU B 45 24.42 17.79 -39.33
C GLU B 45 23.12 17.99 -40.16
N ASP B 46 22.10 17.17 -39.88
CA ASP B 46 20.81 17.30 -40.57
C ASP B 46 19.95 18.53 -40.16
N GLY B 47 20.46 19.36 -39.25
CA GLY B 47 19.69 20.53 -38.82
C GLY B 47 18.67 20.26 -37.71
N SER B 48 18.46 18.99 -37.36
CA SER B 48 17.61 18.62 -36.21
C SER B 48 18.33 18.87 -34.86
N THR B 49 17.61 18.69 -33.75
CA THR B 49 18.17 19.05 -32.46
C THR B 49 18.24 17.85 -31.54
N PHE B 50 19.43 17.61 -30.98
CA PHE B 50 19.60 16.59 -29.95
C PHE B 50 19.71 17.24 -28.58
N VAL B 51 18.98 16.69 -27.61
CA VAL B 51 18.94 17.26 -26.26
C VAL B 51 19.18 16.13 -25.26
N LEU B 52 20.28 16.20 -24.52
CA LEU B 52 20.53 15.15 -23.51
C LEU B 52 19.99 15.56 -22.12
N THR B 53 19.84 14.62 -21.18
CA THR B 53 19.09 14.86 -19.93
C THR B 53 19.83 15.68 -18.90
N GLY B 54 21.14 15.76 -19.02
CA GLY B 54 21.98 16.25 -17.92
C GLY B 54 22.97 15.15 -17.65
N ASP B 55 23.02 14.66 -16.41
CA ASP B 55 24.07 13.72 -16.03
C ASP B 55 23.88 12.28 -16.49
N ILE B 56 22.87 12.03 -17.34
CA ILE B 56 22.80 10.78 -18.16
C ILE B 56 22.95 11.21 -19.63
N PRO B 57 24.01 10.70 -20.32
CA PRO B 57 24.34 11.22 -21.68
C PRO B 57 23.50 10.62 -22.82
N ALA B 58 22.18 10.78 -22.75
CA ALA B 58 21.24 10.30 -23.80
C ALA B 58 20.03 11.22 -23.80
N MET B 59 19.17 11.05 -24.80
CA MET B 59 18.03 11.92 -25.01
C MET B 59 16.79 11.17 -24.63
N TRP B 60 16.01 11.69 -23.68
CA TRP B 60 14.70 11.13 -23.37
C TRP B 60 13.64 11.93 -24.14
N LEU B 61 12.64 11.23 -24.68
CA LEU B 61 11.50 11.94 -25.32
C LEU B 61 10.75 12.86 -24.32
N ARG B 62 10.64 12.37 -23.09
CA ARG B 62 10.02 13.14 -22.01
C ARG B 62 10.89 14.31 -21.59
N ASP B 63 12.07 14.04 -21.06
CA ASP B 63 12.94 15.09 -20.58
C ASP B 63 13.10 16.20 -21.62
N SER B 64 13.39 15.83 -22.88
CA SER B 64 13.73 16.82 -23.93
C SER B 64 12.58 17.82 -24.16
N THR B 65 11.35 17.32 -24.14
CA THR B 65 10.17 18.22 -24.26
C THR B 65 10.09 19.19 -23.10
N ALA B 66 10.21 18.65 -21.89
CA ALA B 66 10.07 19.45 -20.67
C ALA B 66 11.22 20.43 -20.49
N GLN B 67 12.40 20.01 -20.94
CA GLN B 67 13.62 20.85 -21.01
C GLN B 67 13.44 22.07 -21.88
N LEU B 68 12.87 21.91 -23.07
CA LEU B 68 12.82 23.04 -24.01
C LEU B 68 11.53 23.86 -23.90
N ARG B 69 10.53 23.33 -23.20
CA ARG B 69 9.24 23.98 -23.12
C ARG B 69 9.33 25.45 -22.63
N PRO B 70 10.15 25.74 -21.57
CA PRO B 70 10.14 27.11 -21.04
C PRO B 70 10.81 28.11 -21.96
N TYR B 71 11.46 27.63 -23.01
CA TYR B 71 12.03 28.54 -24.01
C TYR B 71 11.04 29.06 -25.05
N LEU B 72 9.83 28.49 -25.10
CA LEU B 72 8.80 28.99 -26.03
C LEU B 72 8.47 30.48 -25.86
N HIS B 73 8.53 31.00 -24.64
CA HIS B 73 8.31 32.45 -24.49
C HIS B 73 9.30 33.26 -25.33
N VAL B 74 10.58 32.99 -25.13
CA VAL B 74 11.60 33.81 -25.79
C VAL B 74 11.68 33.43 -27.28
N ALA B 75 11.27 32.21 -27.62
CA ALA B 75 11.18 31.77 -29.02
C ALA B 75 10.18 32.60 -29.85
N LYS B 76 9.34 33.36 -29.17
CA LYS B 76 8.50 34.31 -29.90
C LYS B 76 9.35 35.48 -30.44
N ARG B 77 10.52 35.70 -29.82
CA ARG B 77 11.41 36.82 -30.20
C ARG B 77 12.59 36.30 -30.99
N ASP B 78 13.06 35.11 -30.63
CA ASP B 78 14.32 34.57 -31.13
C ASP B 78 14.05 33.54 -32.20
N ALA B 79 14.03 33.96 -33.46
CA ALA B 79 13.73 33.04 -34.57
C ALA B 79 14.65 31.80 -34.63
N LEU B 80 15.93 31.98 -34.26
CA LEU B 80 16.86 30.83 -34.24
C LEU B 80 16.44 29.80 -33.19
N LEU B 81 16.17 30.27 -31.97
CA LEU B 81 15.73 29.34 -30.94
C LEU B 81 14.40 28.67 -31.29
N ARG B 82 13.49 29.42 -31.93
CA ARG B 82 12.31 28.84 -32.50
C ARG B 82 12.63 27.67 -33.46
N GLN B 83 13.57 27.88 -34.40
CA GLN B 83 13.99 26.78 -35.30
C GLN B 83 14.60 25.58 -34.55
N THR B 84 15.43 25.87 -33.54
CA THR B 84 16.02 24.82 -32.70
C THR B 84 14.95 23.95 -32.05
N ILE B 85 13.86 24.56 -31.61
CA ILE B 85 12.75 23.81 -31.01
C ILE B 85 12.00 22.99 -32.05
N ALA B 86 11.82 23.55 -33.26
CA ALA B 86 11.19 22.81 -34.34
C ALA B 86 12.06 21.61 -34.68
N GLY B 87 13.36 21.84 -34.66
CA GLY B 87 14.33 20.78 -34.89
C GLY B 87 14.31 19.68 -33.82
N LEU B 88 13.92 20.03 -32.60
CA LEU B 88 13.79 19.02 -31.53
C LEU B 88 12.59 18.10 -31.84
N VAL B 89 11.46 18.69 -32.22
CA VAL B 89 10.29 17.93 -32.63
C VAL B 89 10.69 16.99 -33.74
N LYS B 90 11.47 17.50 -34.69
CA LYS B 90 11.83 16.69 -35.85
C LYS B 90 12.69 15.50 -35.42
N ARG B 91 13.60 15.73 -34.48
CA ARG B 91 14.49 14.68 -33.98
C ARG B 91 13.63 13.66 -33.22
N GLN B 92 12.73 14.17 -32.38
CA GLN B 92 11.85 13.29 -31.59
C GLN B 92 11.06 12.34 -32.47
N MET B 93 10.41 12.90 -33.51
CA MET B 93 9.55 12.13 -34.38
C MET B 93 10.37 11.14 -35.22
N THR B 94 11.59 11.55 -35.61
CA THR B 94 12.52 10.63 -36.30
C THR B 94 12.86 9.47 -35.38
N LEU B 95 13.16 9.78 -34.12
CA LEU B 95 13.50 8.73 -33.19
C LEU B 95 12.30 7.80 -32.88
N VAL B 96 11.09 8.36 -32.77
CA VAL B 96 9.88 7.55 -32.63
C VAL B 96 9.80 6.55 -33.80
N LEU B 97 10.13 7.01 -35.02
CA LEU B 97 10.13 6.09 -36.18
C LEU B 97 11.18 4.99 -36.01
N LYS B 98 12.33 5.32 -35.42
CA LYS B 98 13.37 4.34 -35.11
C LYS B 98 12.94 3.18 -34.20
N ASP B 99 12.12 3.49 -33.17
CA ASP B 99 11.50 2.51 -32.26
C ASP B 99 10.47 3.28 -31.43
N PRO B 100 9.17 3.03 -31.66
CA PRO B 100 8.16 3.79 -30.92
C PRO B 100 7.95 3.28 -29.48
N TYR B 101 8.64 2.20 -29.13
CA TYR B 101 8.60 1.60 -27.78
C TYR B 101 9.70 2.12 -26.83
N ALA B 102 10.72 2.81 -27.35
CA ALA B 102 11.87 3.22 -26.55
C ALA B 102 11.66 4.60 -25.88
N ASN B 103 12.12 4.73 -24.63
CA ASN B 103 12.01 6.01 -23.89
C ASN B 103 13.20 6.93 -24.15
N SER B 104 14.31 6.35 -24.62
CA SER B 104 15.62 7.02 -24.63
C SER B 104 16.48 6.62 -25.81
N PHE B 105 17.25 7.58 -26.32
CA PHE B 105 17.95 7.39 -27.58
C PHE B 105 19.33 8.03 -27.54
N ASN B 106 20.23 7.48 -28.37
CA ASN B 106 21.56 8.01 -28.57
C ASN B 106 21.57 9.06 -29.69
N ILE B 107 22.68 9.79 -29.78
CA ILE B 107 22.85 10.86 -30.76
C ILE B 107 22.99 10.28 -32.19
N GLU B 108 23.54 9.07 -32.29
CA GLU B 108 23.60 8.37 -33.56
C GLU B 108 23.51 6.89 -33.32
N GLU B 109 23.55 6.10 -34.38
CA GLU B 109 23.39 4.67 -34.26
C GLU B 109 24.64 4.00 -33.67
N ASN B 110 24.94 4.35 -32.42
CA ASN B 110 26.20 3.98 -31.76
C ASN B 110 26.16 2.83 -30.75
N TRP B 111 24.97 2.36 -30.39
CA TRP B 111 24.83 1.20 -29.48
C TRP B 111 25.29 1.48 -28.03
N LYS B 112 25.33 2.75 -27.64
CA LYS B 112 25.57 3.10 -26.24
C LYS B 112 24.32 2.74 -25.43
N GLY B 113 24.47 2.59 -24.12
CA GLY B 113 23.32 2.28 -23.28
C GLY B 113 23.25 0.89 -22.73
N HIS B 114 22.03 0.41 -22.53
CA HIS B 114 21.79 -0.80 -21.73
C HIS B 114 21.69 -2.12 -22.50
N HIS B 115 22.11 -2.15 -23.76
CA HIS B 115 21.92 -3.34 -24.57
C HIS B 115 22.45 -4.65 -23.95
N GLU B 116 23.62 -4.62 -23.32
CA GLU B 116 24.19 -5.83 -22.73
C GLU B 116 23.37 -6.55 -21.66
N THR B 117 22.54 -5.82 -20.91
CA THR B 117 21.68 -6.46 -19.91
C THR B 117 20.24 -6.67 -20.39
N ASP B 118 19.89 -6.10 -21.54
CA ASP B 118 18.47 -5.99 -21.95
C ASP B 118 18.05 -6.93 -23.06
N HIS B 119 17.02 -7.73 -22.78
CA HIS B 119 16.55 -8.76 -23.68
C HIS B 119 15.26 -8.28 -24.34
N THR B 120 15.41 -7.65 -25.49
CA THR B 120 14.30 -7.06 -26.22
C THR B 120 14.81 -6.76 -27.63
N ASP B 121 13.90 -6.44 -28.55
CA ASP B 121 14.30 -6.06 -29.91
C ASP B 121 14.99 -4.71 -29.84
N LEU B 122 16.23 -4.66 -30.30
CA LEU B 122 17.07 -3.49 -30.09
C LEU B 122 17.67 -3.02 -31.41
N ASN B 123 18.03 -1.74 -31.46
CA ASN B 123 18.84 -1.23 -32.53
C ASN B 123 19.76 -0.20 -31.91
N GLY B 124 20.77 0.27 -32.65
CA GLY B 124 21.83 1.06 -32.07
C GLY B 124 21.45 2.46 -31.63
N TRP B 125 20.27 2.92 -32.07
CA TRP B 125 19.78 4.24 -31.69
C TRP B 125 19.22 4.22 -30.28
N ILE B 126 18.88 3.03 -29.78
CA ILE B 126 18.21 2.87 -28.46
C ILE B 126 19.20 2.92 -27.28
N TRP B 127 18.95 3.81 -26.32
CA TRP B 127 19.74 3.82 -25.09
C TRP B 127 19.17 2.71 -24.19
N GLU B 128 17.89 2.81 -23.85
CA GLU B 128 17.16 1.68 -23.30
C GLU B 128 15.77 1.69 -23.93
N ARG B 129 15.17 0.51 -24.01
CA ARG B 129 13.84 0.37 -24.57
C ARG B 129 12.78 0.11 -23.49
N LYS B 130 12.69 1.00 -22.52
CA LYS B 130 11.59 0.99 -21.56
C LYS B 130 10.40 1.78 -22.12
N TYR B 131 9.29 1.07 -22.36
CA TYR B 131 8.07 1.68 -22.90
C TYR B 131 7.22 2.30 -21.83
N GLU B 132 7.03 3.62 -21.99
CA GLU B 132 6.33 4.46 -21.06
C GLU B 132 5.39 5.22 -21.99
N VAL B 133 4.08 5.07 -21.77
CA VAL B 133 3.07 5.73 -22.63
C VAL B 133 3.38 7.22 -22.82
N ASP B 134 3.83 7.87 -21.75
CA ASP B 134 4.07 9.31 -21.76
C ASP B 134 5.21 9.69 -22.70
N SER B 135 6.14 8.78 -22.97
CA SER B 135 7.22 9.06 -23.93
C SER B 135 6.68 9.53 -25.27
N LEU B 136 5.53 8.98 -25.67
CA LEU B 136 4.91 9.29 -26.97
C LEU B 136 3.89 10.44 -26.90
N CYS B 137 3.43 10.76 -25.71
CA CYS B 137 2.65 11.98 -25.50
C CYS B 137 3.51 13.23 -25.67
N TYR B 138 4.71 13.23 -25.07
CA TYR B 138 5.50 14.45 -24.95
C TYR B 138 5.89 15.09 -26.30
N PRO B 139 6.38 14.32 -27.27
CA PRO B 139 6.73 14.95 -28.55
C PRO B 139 5.52 15.60 -29.25
N LEU B 140 4.35 14.99 -29.11
CA LEU B 140 3.08 15.56 -29.66
C LEU B 140 2.70 16.80 -28.90
N GLN B 141 2.95 16.76 -27.59
CA GLN B 141 2.72 17.95 -26.79
C GLN B 141 3.67 19.07 -27.23
N LEU B 142 4.95 18.76 -27.46
CA LEU B 142 5.88 19.81 -27.87
C LEU B 142 5.49 20.41 -29.24
N ALA B 143 5.10 19.55 -30.15
CA ALA B 143 4.75 19.97 -31.49
C ALA B 143 3.56 20.94 -31.45
N TYR B 144 2.58 20.65 -30.60
CA TYR B 144 1.39 21.50 -30.44
C TYR B 144 1.72 22.81 -29.73
N LEU B 145 2.45 22.75 -28.60
CA LEU B 145 2.81 23.97 -27.86
C LEU B 145 3.69 24.96 -28.68
N LEU B 146 4.60 24.42 -29.48
CA LEU B 146 5.41 25.26 -30.38
C LEU B 146 4.50 26.00 -31.34
N TRP B 147 3.58 25.23 -31.92
CA TRP B 147 2.60 25.73 -32.87
C TRP B 147 1.77 26.86 -32.26
N LYS B 148 1.17 26.60 -31.10
CA LYS B 148 0.32 27.60 -30.45
C LYS B 148 1.09 28.83 -29.92
N GLU B 149 2.26 28.63 -29.35
CA GLU B 149 2.94 29.73 -28.70
C GLU B 149 3.58 30.67 -29.71
N THR B 150 4.05 30.10 -30.84
CA THR B 150 4.85 30.85 -31.84
C THR B 150 4.27 30.85 -33.26
N GLY B 151 3.33 29.95 -33.57
CA GLY B 151 2.84 29.88 -34.94
C GLY B 151 3.67 28.98 -35.86
N GLU B 152 4.82 28.50 -35.37
CA GLU B 152 5.70 27.63 -36.16
C GLU B 152 4.96 26.39 -36.63
N THR B 153 5.16 26.01 -37.89
CA THR B 153 4.53 24.81 -38.45
C THR B 153 5.45 23.85 -39.20
N SER B 154 6.74 24.18 -39.36
CA SER B 154 7.66 23.32 -40.13
C SER B 154 7.88 21.94 -39.52
N GLN B 155 7.62 21.82 -38.22
CA GLN B 155 7.70 20.53 -37.53
C GLN B 155 6.59 19.50 -37.92
N PHE B 156 5.49 19.98 -38.53
CA PHE B 156 4.43 19.11 -39.04
C PHE B 156 4.75 18.58 -40.43
N ASP B 157 5.88 17.91 -40.52
CA ASP B 157 6.38 17.47 -41.82
C ASP B 157 5.94 16.04 -42.08
N GLU B 158 6.50 15.42 -43.12
CA GLU B 158 6.09 14.04 -43.40
C GLU B 158 6.55 13.01 -42.31
N ILE B 159 7.65 13.30 -41.63
CA ILE B 159 8.12 12.46 -40.50
C ILE B 159 7.10 12.52 -39.36
N PHE B 160 6.62 13.74 -39.05
CA PHE B 160 5.59 13.98 -38.03
C PHE B 160 4.32 13.16 -38.28
N VAL B 161 3.87 13.13 -39.53
CA VAL B 161 2.66 12.43 -39.92
C VAL B 161 2.92 10.91 -39.79
N ALA B 162 4.07 10.46 -40.26
CA ALA B 162 4.34 9.03 -40.11
C ALA B 162 4.46 8.63 -38.63
N ALA B 163 5.15 9.45 -37.82
CA ALA B 163 5.29 9.15 -36.38
C ALA B 163 3.94 9.16 -35.66
N THR B 164 3.07 10.12 -35.98
CA THR B 164 1.75 10.19 -35.35
C THR B 164 0.98 8.91 -35.70
N LYS B 165 1.09 8.47 -36.95
CA LYS B 165 0.42 7.22 -37.34
C LYS B 165 0.95 6.03 -36.55
N GLU B 166 2.26 6.01 -36.29
CA GLU B 166 2.84 4.94 -35.49
C GLU B 166 2.32 4.98 -34.07
N ILE B 167 2.17 6.19 -33.53
CA ILE B 167 1.72 6.36 -32.15
C ILE B 167 0.27 5.91 -31.96
N LEU B 168 -0.59 6.26 -32.92
CA LEU B 168 -1.99 5.84 -32.89
C LEU B 168 -2.09 4.34 -33.01
N HIS B 169 -1.32 3.75 -33.91
CA HIS B 169 -1.32 2.29 -34.09
C HIS B 169 -0.90 1.59 -32.81
N LEU B 170 0.24 2.01 -32.26
CA LEU B 170 0.82 1.36 -31.09
C LEU B 170 -0.13 1.41 -29.89
N TRP B 171 -0.69 2.59 -29.63
CA TRP B 171 -1.61 2.79 -28.53
C TRP B 171 -2.89 1.98 -28.71
N THR B 172 -3.28 1.77 -29.96
CA THR B 172 -4.45 0.95 -30.29
C THR B 172 -4.11 -0.52 -30.00
N VAL B 173 -2.99 -1.01 -30.53
CA VAL B 173 -2.56 -2.37 -30.20
C VAL B 173 -2.51 -2.59 -28.69
N GLU B 174 -1.91 -1.64 -27.98
CA GLU B 174 -1.78 -1.74 -26.53
C GLU B 174 -3.07 -1.52 -25.74
N GLN B 175 -4.21 -1.33 -26.41
CA GLN B 175 -5.52 -1.44 -25.74
C GLN B 175 -5.85 -2.89 -25.39
N ASP B 176 -5.12 -3.82 -25.99
CA ASP B 176 -5.14 -5.19 -25.53
C ASP B 176 -3.74 -5.75 -25.67
N HIS B 177 -2.95 -5.61 -24.59
CA HIS B 177 -1.53 -6.02 -24.56
C HIS B 177 -1.25 -7.48 -24.98
N LYS B 178 -2.29 -8.33 -25.04
CA LYS B 178 -2.11 -9.71 -25.51
C LYS B 178 -1.57 -9.76 -26.93
N ASN B 179 -1.85 -8.71 -27.71
CA ASN B 179 -1.42 -8.63 -29.10
C ASN B 179 -0.13 -7.86 -29.33
N SER B 180 0.54 -7.49 -28.23
CA SER B 180 1.72 -6.64 -28.29
C SER B 180 2.98 -7.36 -28.79
N PRO B 181 3.76 -6.70 -29.66
CA PRO B 181 5.06 -7.21 -30.07
C PRO B 181 6.17 -6.92 -29.05
N TYR B 182 5.87 -6.14 -28.01
CA TYR B 182 6.89 -5.69 -27.06
C TYR B 182 7.02 -6.63 -25.88
N ARG B 183 8.25 -7.08 -25.64
CA ARG B 183 8.66 -7.74 -24.40
C ARG B 183 9.98 -7.16 -23.91
N PHE B 184 10.11 -7.06 -22.60
CA PHE B 184 11.30 -6.47 -21.99
C PHE B 184 11.68 -7.20 -20.71
N VAL B 185 12.86 -7.82 -20.74
CA VAL B 185 13.52 -8.41 -19.55
C VAL B 185 14.91 -7.79 -19.44
N ARG B 186 15.27 -7.35 -18.25
CA ARG B 186 16.62 -6.88 -17.99
C ARG B 186 17.24 -7.82 -16.96
N ASP B 187 18.52 -8.16 -17.17
CA ASP B 187 19.33 -8.93 -16.20
C ASP B 187 19.63 -8.03 -15.01
N THR B 188 18.81 -8.08 -13.96
CA THR B 188 19.07 -7.27 -12.76
C THR B 188 18.41 -7.91 -11.55
N ASP B 189 18.94 -7.62 -10.36
CA ASP B 189 18.24 -7.97 -9.14
C ASP B 189 17.21 -6.91 -8.70
N ARG B 190 17.20 -5.74 -9.36
CA ARG B 190 16.21 -4.71 -9.01
C ARG B 190 14.93 -4.94 -9.82
N LYS B 191 13.84 -5.30 -9.12
CA LYS B 191 12.61 -5.73 -9.80
C LYS B 191 11.93 -4.58 -10.56
N GLU B 192 12.18 -3.33 -10.13
CA GLU B 192 11.54 -2.16 -10.72
C GLU B 192 12.07 -1.86 -12.12
N ASP B 193 13.20 -2.48 -12.46
CA ASP B 193 13.82 -2.28 -13.78
C ASP B 193 13.52 -3.37 -14.81
N THR B 194 12.54 -4.24 -14.54
CA THR B 194 12.21 -5.31 -15.48
C THR B 194 10.73 -5.70 -15.40
N LEU B 195 10.24 -6.47 -16.36
CA LEU B 195 8.82 -6.84 -16.32
C LEU B 195 8.62 -8.28 -15.88
N VAL B 196 7.62 -8.47 -15.01
CA VAL B 196 7.26 -9.76 -14.48
C VAL B 196 6.71 -10.63 -15.61
N ASN B 197 6.42 -11.89 -15.31
CA ASN B 197 5.93 -12.86 -16.28
C ASN B 197 6.76 -12.88 -17.55
N ASP B 198 8.05 -12.99 -17.34
CA ASP B 198 9.07 -12.99 -18.37
C ASP B 198 8.95 -11.86 -19.40
N GLY B 199 8.83 -10.63 -18.92
CA GLY B 199 8.86 -9.47 -19.79
C GLY B 199 7.53 -9.12 -20.41
N PHE B 200 6.49 -9.85 -20.02
CA PHE B 200 5.13 -9.58 -20.54
C PHE B 200 4.37 -8.60 -19.64
N GLY B 201 4.75 -8.54 -18.36
CA GLY B 201 4.11 -7.60 -17.42
C GLY B 201 2.92 -8.25 -16.72
N PRO B 202 2.26 -7.52 -15.80
CA PRO B 202 1.24 -8.12 -14.94
C PRO B 202 -0.07 -8.42 -15.68
N ASP B 203 -0.97 -9.14 -14.99
CA ASP B 203 -2.28 -9.49 -15.57
C ASP B 203 -3.15 -8.24 -15.60
N PHE B 204 -4.08 -8.23 -16.56
CA PHE B 204 -4.89 -7.06 -16.86
C PHE B 204 -6.13 -7.56 -17.59
N ALA B 205 -7.21 -6.79 -17.54
CA ALA B 205 -8.29 -6.97 -18.50
C ALA B 205 -8.30 -5.76 -19.46
N VAL B 206 -9.03 -5.88 -20.56
CA VAL B 206 -9.17 -4.80 -21.52
C VAL B 206 -10.06 -3.74 -20.87
N THR B 207 -9.62 -2.46 -20.87
CA THR B 207 -10.45 -1.41 -20.25
C THR B 207 -10.88 -0.30 -21.22
N GLY B 208 -10.19 -0.21 -22.36
CA GLY B 208 -10.27 0.95 -23.25
C GLY B 208 -8.99 1.78 -23.15
N MET B 209 -8.38 1.81 -21.96
CA MET B 209 -7.13 2.54 -21.76
C MET B 209 -5.97 1.81 -22.45
N THR B 210 -4.83 2.48 -22.58
CA THR B 210 -3.73 1.85 -23.29
C THR B 210 -2.63 1.47 -22.28
N TRP B 211 -2.10 0.27 -22.45
CA TRP B 211 -1.13 -0.37 -21.55
C TRP B 211 0.21 0.36 -21.52
N SER B 212 0.88 0.32 -20.38
CA SER B 212 2.23 0.84 -20.28
C SER B 212 3.09 -0.18 -19.54
N ALA B 213 4.36 -0.24 -19.92
CA ALA B 213 5.33 -1.09 -19.24
C ALA B 213 5.91 -0.38 -18.02
N PHE B 214 6.36 0.87 -18.22
CA PHE B 214 7.06 1.59 -17.16
C PHE B 214 6.37 2.95 -16.96
N ARG B 215 6.68 3.55 -15.81
CA ARG B 215 6.27 4.90 -15.41
C ARG B 215 7.27 5.94 -15.93
N PRO B 216 6.91 7.25 -15.90
CA PRO B 216 7.91 8.29 -16.23
C PRO B 216 9.05 8.40 -15.20
N SER B 217 8.96 7.66 -14.09
CA SER B 217 10.10 7.45 -13.18
C SER B 217 11.08 6.42 -13.78
N ASP B 218 10.68 5.74 -14.85
CA ASP B 218 11.47 4.64 -15.45
C ASP B 218 11.43 3.38 -14.59
N ASP B 219 10.61 3.35 -13.55
CA ASP B 219 10.35 2.11 -12.80
C ASP B 219 9.11 1.44 -13.37
N CYS B 220 9.03 0.10 -13.27
CA CYS B 220 7.90 -0.61 -13.90
C CYS B 220 6.56 -0.34 -13.22
N CYS B 221 5.49 -0.40 -14.02
CA CYS B 221 4.14 -0.26 -13.53
C CYS B 221 3.77 -1.46 -12.68
N GLN B 222 3.11 -1.20 -11.56
CA GLN B 222 2.58 -2.27 -10.73
C GLN B 222 1.32 -2.84 -11.37
N TYR B 223 0.42 -1.96 -11.77
CA TYR B 223 -0.70 -2.30 -12.67
C TYR B 223 -0.59 -1.53 -14.01
N SER B 224 -1.13 -2.08 -15.08
CA SER B 224 -0.73 -1.71 -16.43
C SER B 224 -1.37 -0.43 -16.98
N TYR B 225 -2.53 -0.05 -16.41
CA TYR B 225 -3.20 1.19 -16.84
C TYR B 225 -2.80 2.33 -15.92
N LEU B 226 -1.82 3.10 -16.39
CA LEU B 226 -1.24 4.16 -15.58
C LEU B 226 -2.13 5.38 -15.82
N ILE B 227 -2.91 5.77 -14.82
CA ILE B 227 -3.95 6.81 -14.99
C ILE B 227 -3.43 8.19 -15.47
N PRO B 228 -2.32 8.69 -14.89
CA PRO B 228 -1.83 10.00 -15.37
C PRO B 228 -1.32 9.95 -16.83
N SER B 229 -0.73 8.83 -17.23
CA SER B 229 -0.28 8.71 -18.64
C SER B 229 -1.46 8.61 -19.59
N ASN B 230 -2.54 7.96 -19.18
CA ASN B 230 -3.70 7.87 -20.03
C ASN B 230 -4.42 9.22 -20.11
N MET B 231 -4.42 9.97 -19.00
CA MET B 231 -4.94 11.33 -19.00
C MET B 231 -4.16 12.18 -20.04
N PHE B 232 -2.84 11.97 -20.07
CA PHE B 232 -1.97 12.74 -20.94
C PHE B 232 -2.26 12.37 -22.38
N ALA B 233 -2.43 11.07 -22.62
CA ALA B 233 -2.81 10.59 -23.96
C ALA B 233 -4.13 11.20 -24.43
N VAL B 234 -5.16 11.31 -23.58
CA VAL B 234 -6.41 11.98 -23.98
C VAL B 234 -6.19 13.42 -24.42
N VAL B 235 -5.37 14.15 -23.67
CA VAL B 235 -5.04 15.53 -24.03
C VAL B 235 -4.37 15.62 -25.39
N VAL B 236 -3.32 14.85 -25.62
CA VAL B 236 -2.58 15.04 -26.86
C VAL B 236 -3.32 14.43 -28.08
N LEU B 237 -4.26 13.53 -27.83
CA LEU B 237 -5.08 13.02 -28.93
C LEU B 237 -6.03 14.14 -29.44
N GLY B 238 -6.42 15.05 -28.55
CA GLY B 238 -7.08 16.32 -28.93
C GLY B 238 -6.16 17.16 -29.81
N TYR B 239 -4.91 17.31 -29.36
CA TYR B 239 -3.93 18.06 -30.10
C TYR B 239 -3.81 17.51 -31.52
N VAL B 240 -3.72 16.19 -31.65
CA VAL B 240 -3.58 15.53 -32.96
C VAL B 240 -4.75 15.94 -33.87
N GLN B 241 -5.95 15.81 -33.33
CA GLN B 241 -7.17 16.23 -34.05
C GLN B 241 -7.15 17.70 -34.52
N GLU B 242 -6.71 18.61 -33.67
CA GLU B 242 -6.64 20.02 -34.06
C GLU B 242 -5.60 20.26 -35.12
N ILE B 243 -4.42 19.65 -34.94
CA ILE B 243 -3.29 19.90 -35.84
C ILE B 243 -3.60 19.42 -37.26
N PHE B 244 -4.08 18.19 -37.37
CA PHE B 244 -4.40 17.63 -38.67
C PHE B 244 -5.49 18.41 -39.40
N ALA B 245 -6.50 18.89 -38.68
CA ALA B 245 -7.58 19.69 -39.29
C ALA B 245 -7.07 21.05 -39.68
N ALA B 246 -6.30 21.67 -38.81
CA ALA B 246 -5.81 23.05 -39.08
C ALA B 246 -4.88 23.12 -40.26
N LEU B 247 -4.11 22.05 -40.44
CA LEU B 247 -3.00 22.11 -41.38
C LEU B 247 -3.21 21.24 -42.63
N ASN B 248 -4.38 20.60 -42.70
CA ASN B 248 -4.74 19.75 -43.85
C ASN B 248 -3.59 18.81 -44.20
N LEU B 249 -3.07 18.18 -43.15
CA LEU B 249 -1.96 17.26 -43.32
C LEU B 249 -2.44 15.98 -44.02
N ALA B 250 -1.49 15.20 -44.52
CA ALA B 250 -1.83 14.04 -45.31
C ALA B 250 -2.65 13.04 -44.49
N ASP B 251 -3.67 12.43 -45.11
CA ASP B 251 -4.55 11.44 -44.48
C ASP B 251 -5.32 11.97 -43.29
N SER B 252 -5.57 13.28 -43.30
CA SER B 252 -6.17 13.94 -42.14
C SER B 252 -7.52 13.33 -41.73
N GLN B 253 -8.37 13.03 -42.70
CA GLN B 253 -9.67 12.46 -42.37
C GLN B 253 -9.56 11.16 -41.57
N SER B 254 -8.69 10.27 -41.99
CA SER B 254 -8.45 9.00 -41.34
C SER B 254 -7.69 9.14 -40.01
N VAL B 255 -6.72 10.06 -39.96
CA VAL B 255 -5.96 10.27 -38.73
C VAL B 255 -6.85 10.87 -37.65
N ILE B 256 -7.66 11.86 -38.05
CA ILE B 256 -8.59 12.52 -37.12
C ILE B 256 -9.62 11.54 -36.54
N ALA B 257 -10.30 10.78 -37.41
CA ALA B 257 -11.28 9.75 -36.99
C ALA B 257 -10.63 8.81 -35.96
N ASP B 258 -9.46 8.31 -36.32
CA ASP B 258 -8.72 7.39 -35.46
C ASP B 258 -8.35 7.96 -34.09
N ALA B 259 -7.71 9.13 -34.10
CA ALA B 259 -7.43 9.88 -32.88
C ALA B 259 -8.67 10.05 -32.07
N LYS B 260 -9.76 10.45 -32.71
CA LYS B 260 -11.00 10.67 -32.00
C LYS B 260 -11.58 9.36 -31.38
N ARG B 261 -11.59 8.28 -32.16
CA ARG B 261 -12.06 6.98 -31.65
C ARG B 261 -11.20 6.54 -30.42
N LEU B 262 -9.88 6.42 -30.62
CA LEU B 262 -8.96 6.13 -29.51
C LEU B 262 -9.20 7.07 -28.29
N GLN B 263 -9.25 8.39 -28.51
CA GLN B 263 -9.48 9.32 -27.43
C GLN B 263 -10.75 8.98 -26.65
N ASP B 264 -11.86 8.75 -27.36
CA ASP B 264 -13.12 8.41 -26.73
C ASP B 264 -13.01 7.10 -25.94
N GLU B 265 -12.33 6.11 -26.49
CA GLU B 265 -12.20 4.83 -25.80
C GLU B 265 -11.39 4.94 -24.51
N ILE B 266 -10.30 5.74 -24.55
CA ILE B 266 -9.45 5.94 -23.37
C ILE B 266 -10.23 6.68 -22.31
N GLN B 267 -10.96 7.75 -22.70
CA GLN B 267 -11.79 8.51 -21.77
C GLN B 267 -12.85 7.64 -21.08
N GLU B 268 -13.49 6.79 -21.86
CA GLU B 268 -14.49 5.87 -21.32
C GLU B 268 -13.81 4.87 -20.37
N GLY B 269 -12.62 4.39 -20.73
CA GLY B 269 -11.84 3.51 -19.85
C GLY B 269 -11.47 4.18 -18.53
N ILE B 270 -11.10 5.47 -18.60
CA ILE B 270 -10.83 6.24 -17.38
C ILE B 270 -12.14 6.31 -16.59
N LYS B 271 -13.23 6.76 -17.23
CA LYS B 271 -14.52 6.81 -16.57
C LYS B 271 -14.86 5.46 -15.88
N ASN B 272 -14.63 4.35 -16.54
CA ASN B 272 -15.09 3.10 -15.96
C ASN B 272 -14.17 2.50 -14.93
N TYR B 273 -12.88 2.85 -14.99
CA TYR B 273 -11.89 2.12 -14.23
C TYR B 273 -10.88 2.91 -13.40
N ALA B 274 -10.81 4.23 -13.57
CA ALA B 274 -9.70 5.02 -12.99
C ALA B 274 -9.98 5.51 -11.56
N TYR B 275 -11.23 5.41 -11.16
CA TYR B 275 -11.67 6.00 -9.93
C TYR B 275 -11.63 5.02 -8.77
N THR B 276 -11.22 5.52 -7.62
CA THR B 276 -11.33 4.72 -6.43
C THR B 276 -11.80 5.65 -5.30
N THR B 277 -11.65 5.20 -4.05
CA THR B 277 -12.17 5.91 -2.89
C THR B 277 -11.07 6.00 -1.82
N ASN B 278 -10.94 7.14 -1.15
CA ASN B 278 -9.95 7.30 -0.08
C ASN B 278 -10.52 6.95 1.33
N SER B 279 -9.68 7.09 2.36
CA SER B 279 -10.08 6.86 3.76
C SER B 279 -11.43 7.50 4.19
N LYS B 280 -11.59 8.78 3.88
CA LYS B 280 -12.83 9.52 4.18
C LYS B 280 -14.04 9.17 3.29
N GLY B 281 -13.84 8.28 2.34
CA GLY B 281 -14.93 7.87 1.45
C GLY B 281 -15.15 8.76 0.24
N GLU B 282 -14.20 9.64 -0.02
CA GLU B 282 -14.32 10.55 -1.15
C GLU B 282 -13.80 9.93 -2.43
N LYS B 283 -14.47 10.23 -3.53
CA LYS B 283 -14.03 9.77 -4.85
C LYS B 283 -12.72 10.43 -5.26
N ILE B 284 -11.78 9.63 -5.77
CA ILE B 284 -10.45 10.07 -6.18
C ILE B 284 -10.02 9.27 -7.40
N TYR B 285 -9.03 9.79 -8.13
CA TYR B 285 -8.31 9.00 -9.11
C TYR B 285 -7.34 8.03 -8.42
N ALA B 286 -7.33 6.79 -8.90
CA ALA B 286 -6.23 5.86 -8.64
C ALA B 286 -5.02 6.22 -9.52
N PHE B 287 -3.85 5.76 -9.10
CA PHE B 287 -2.60 5.96 -9.84
C PHE B 287 -2.45 4.92 -10.99
N GLU B 288 -2.66 3.65 -10.68
CA GLU B 288 -2.52 2.55 -11.67
C GLU B 288 -3.64 1.57 -11.37
N VAL B 289 -4.27 1.05 -12.42
CA VAL B 289 -5.36 0.07 -12.28
C VAL B 289 -5.07 -1.01 -13.32
N ASP B 290 -5.60 -2.22 -13.12
CA ASP B 290 -5.38 -3.34 -14.03
C ASP B 290 -6.60 -3.75 -14.80
N GLY B 291 -7.74 -3.14 -14.44
CA GLY B 291 -9.01 -3.53 -15.00
C GLY B 291 -9.58 -4.78 -14.32
N LEU B 292 -8.91 -5.29 -13.27
CA LEU B 292 -9.33 -6.50 -12.60
C LEU B 292 -9.89 -6.20 -11.23
N GLY B 293 -9.95 -4.93 -10.87
CA GLY B 293 -10.42 -4.54 -9.55
C GLY B 293 -9.32 -3.94 -8.70
N ASN B 294 -8.06 -4.16 -9.07
CA ASN B 294 -6.96 -3.51 -8.36
C ASN B 294 -6.73 -2.05 -8.80
N ALA B 295 -6.56 -1.16 -7.81
CA ALA B 295 -6.35 0.26 -8.06
C ALA B 295 -5.49 0.79 -6.93
N SER B 296 -4.33 1.37 -7.23
CA SER B 296 -3.47 1.90 -6.16
C SER B 296 -3.85 3.33 -5.78
N ILE B 297 -3.74 3.64 -4.48
CA ILE B 297 -3.89 5.01 -3.99
C ILE B 297 -2.50 5.56 -3.67
N MET B 298 -1.98 6.39 -4.57
CA MET B 298 -0.62 6.92 -4.46
C MET B 298 -0.42 7.97 -5.56
N ASP B 299 0.75 8.60 -5.55
CA ASP B 299 1.22 9.36 -6.73
C ASP B 299 2.73 9.28 -6.77
N ASP B 300 3.28 9.49 -7.97
CA ASP B 300 4.72 9.53 -8.17
C ASP B 300 5.08 10.93 -8.67
N PRO B 301 6.21 11.47 -8.21
CA PRO B 301 6.58 12.86 -8.48
C PRO B 301 6.77 13.14 -9.96
N ASN B 302 7.12 12.12 -10.74
CA ASN B 302 7.42 12.33 -12.16
C ASN B 302 6.15 12.71 -12.96
N VAL B 303 6.32 13.61 -13.92
CA VAL B 303 5.22 14.07 -14.79
C VAL B 303 5.24 13.24 -16.09
N PRO B 304 4.07 12.70 -16.50
CA PRO B 304 2.71 12.89 -15.93
C PRO B 304 2.46 12.17 -14.61
N SER B 305 1.82 12.89 -13.70
CA SER B 305 1.39 12.37 -12.40
C SER B 305 -0.05 12.80 -12.15
N LEU B 306 -0.65 12.27 -11.09
CA LEU B 306 -2.01 12.69 -10.79
C LEU B 306 -1.99 14.16 -10.38
N LEU B 307 -1.03 14.52 -9.52
CA LEU B 307 -0.85 15.92 -9.11
C LEU B 307 -0.82 16.91 -10.28
N ALA B 308 -0.19 16.49 -11.39
CA ALA B 308 0.02 17.33 -12.57
C ALA B 308 -1.14 17.38 -13.56
N ALA B 309 -2.22 16.66 -13.28
CA ALA B 309 -3.33 16.58 -14.24
C ALA B 309 -3.79 17.95 -14.80
N PRO B 310 -3.96 18.97 -13.94
CA PRO B 310 -4.45 20.23 -14.50
C PRO B 310 -3.36 20.93 -15.32
N TYR B 311 -2.10 20.73 -14.92
CA TYR B 311 -0.95 21.29 -15.58
C TYR B 311 -0.81 20.71 -16.99
N LEU B 312 -1.23 19.45 -17.14
CA LEU B 312 -1.22 18.79 -18.46
C LEU B 312 -2.45 19.10 -19.33
N GLY B 313 -3.43 19.81 -18.79
CA GLY B 313 -4.66 20.11 -19.55
C GLY B 313 -5.76 19.08 -19.41
N TYR B 314 -5.60 18.14 -18.49
CA TYR B 314 -6.57 17.06 -18.38
C TYR B 314 -7.84 17.54 -17.71
N CYS B 315 -7.70 18.33 -16.65
CA CYS B 315 -8.88 18.80 -15.90
C CYS B 315 -8.63 20.18 -15.34
N SER B 316 -9.68 20.82 -14.84
CA SER B 316 -9.53 22.08 -14.14
C SER B 316 -8.91 21.82 -12.78
N VAL B 317 -8.08 22.75 -12.32
CA VAL B 317 -7.55 22.76 -10.96
C VAL B 317 -8.70 22.87 -9.94
N ASP B 318 -9.85 23.40 -10.36
CA ASP B 318 -10.99 23.59 -9.43
C ASP B 318 -11.82 22.30 -9.28
N ASP B 319 -11.56 21.30 -10.11
CA ASP B 319 -12.34 20.05 -10.14
C ASP B 319 -12.35 19.33 -8.79
N GLU B 320 -13.55 19.00 -8.34
CA GLU B 320 -13.75 18.39 -7.01
C GLU B 320 -13.00 17.06 -6.86
N VAL B 321 -13.07 16.18 -7.86
CA VAL B 321 -12.32 14.92 -7.78
C VAL B 321 -10.80 15.17 -7.78
N TYR B 322 -10.32 16.06 -8.66
CA TYR B 322 -8.92 16.43 -8.60
C TYR B 322 -8.51 16.95 -7.21
N GLN B 323 -9.25 17.91 -6.68
CA GLN B 323 -8.97 18.39 -5.31
C GLN B 323 -8.95 17.29 -4.24
N ALA B 324 -9.93 16.38 -4.27
CA ALA B 324 -9.89 15.29 -3.28
C ALA B 324 -8.65 14.37 -3.49
N THR B 325 -8.30 14.11 -4.73
CA THR B 325 -7.11 13.34 -5.05
C THR B 325 -5.86 14.07 -4.54
N ARG B 326 -5.81 15.39 -4.74
CA ARG B 326 -4.67 16.19 -4.34
C ARG B 326 -4.45 16.16 -2.82
N ARG B 327 -5.54 16.35 -2.07
CA ARG B 327 -5.46 16.24 -0.61
C ARG B 327 -4.94 14.87 -0.18
N THR B 328 -5.32 13.81 -0.92
CA THR B 328 -4.92 12.44 -0.57
C THR B 328 -3.44 12.25 -0.86
N ILE B 329 -3.02 12.71 -2.05
CA ILE B 329 -1.64 12.63 -2.53
C ILE B 329 -0.64 13.33 -1.61
N LEU B 330 -1.01 14.52 -1.14
CA LEU B 330 -0.13 15.32 -0.27
C LEU B 330 -0.45 15.04 1.20
N SER B 331 -0.34 13.78 1.59
CA SER B 331 -0.74 13.33 2.92
C SER B 331 -0.18 11.93 3.08
N SER B 332 -0.04 11.48 4.31
CA SER B 332 0.56 10.18 4.56
C SER B 332 -0.33 9.01 4.10
N GLU B 333 -1.54 9.30 3.60
CA GLU B 333 -2.36 8.28 2.92
C GLU B 333 -1.65 7.83 1.66
N ASN B 334 -0.84 8.73 1.09
CA ASN B 334 0.06 8.36 -0.04
C ASN B 334 1.32 7.73 0.53
N PRO B 335 1.60 6.43 0.22
CA PRO B 335 2.82 5.81 0.80
C PRO B 335 4.15 6.49 0.40
N TYR B 336 4.11 7.44 -0.52
CA TYR B 336 5.34 8.13 -0.97
C TYR B 336 5.43 9.58 -0.48
N PHE B 337 4.47 10.00 0.34
CA PHE B 337 4.51 11.33 0.95
C PHE B 337 5.43 11.25 2.16
N TYR B 338 6.54 11.97 2.12
CA TYR B 338 7.53 11.93 3.20
C TYR B 338 7.57 13.32 3.90
N GLN B 339 7.65 13.32 5.24
CA GLN B 339 7.72 14.59 5.99
C GLN B 339 8.99 14.68 6.81
N GLY B 340 9.65 15.83 6.78
CA GLY B 340 10.82 15.99 7.60
C GLY B 340 11.11 17.41 8.00
N GLU B 341 12.32 17.65 8.49
CA GLU B 341 12.64 18.97 9.07
C GLU B 341 12.62 20.13 8.07
N TYR B 342 13.11 19.88 6.85
CA TYR B 342 13.24 20.88 5.82
C TYR B 342 12.03 21.04 4.93
N ALA B 343 11.31 19.94 4.69
CA ALA B 343 10.22 19.93 3.71
C ALA B 343 9.39 18.67 3.84
N SER B 344 8.19 18.75 3.28
CA SER B 344 7.36 17.59 3.05
C SER B 344 7.07 17.52 1.55
N GLY B 345 7.02 16.32 0.99
CA GLY B 345 6.72 16.16 -0.41
C GLY B 345 6.71 14.73 -0.84
N LEU B 346 6.96 14.55 -2.13
CA LEU B 346 6.74 13.29 -2.80
C LEU B 346 8.05 12.64 -3.17
N GLY B 347 8.24 11.45 -2.61
CA GLY B 347 9.34 10.56 -2.98
C GLY B 347 8.87 9.60 -4.04
N SER B 348 9.65 8.57 -4.28
CA SER B 348 9.42 7.67 -5.41
C SER B 348 10.10 6.32 -5.18
N SER B 349 9.52 5.27 -5.74
CA SER B 349 10.18 3.96 -5.77
C SER B 349 11.55 4.05 -6.41
N HIS B 350 11.73 5.06 -7.26
CA HIS B 350 12.95 5.23 -8.02
C HIS B 350 14.10 5.80 -7.21
N THR B 351 13.77 6.44 -6.08
CA THR B 351 14.77 7.17 -5.32
C THR B 351 14.80 6.67 -3.89
N PHE B 352 15.85 7.03 -3.17
CA PHE B 352 16.02 6.61 -1.78
C PHE B 352 14.87 7.01 -0.85
N TYR B 353 14.70 6.23 0.20
CA TYR B 353 13.65 6.50 1.15
C TYR B 353 13.85 7.81 1.94
N ARG B 354 12.77 8.58 2.13
CA ARG B 354 12.81 9.91 2.73
C ARG B 354 13.36 11.00 1.80
N TYR B 355 13.70 10.66 0.56
CA TYR B 355 14.10 11.72 -0.40
C TYR B 355 12.89 12.13 -1.23
N ILE B 356 12.70 13.44 -1.39
CA ILE B 356 11.52 13.93 -2.12
C ILE B 356 11.95 14.74 -3.34
N TRP B 357 11.03 14.94 -4.29
CA TRP B 357 11.41 15.50 -5.60
C TRP B 357 11.12 17.00 -5.81
N PRO B 358 12.18 17.79 -6.11
CA PRO B 358 11.89 19.16 -6.54
C PRO B 358 10.85 19.30 -7.67
N ILE B 359 10.81 18.36 -8.61
CA ILE B 359 9.81 18.41 -9.68
C ILE B 359 8.41 18.40 -9.11
N ALA B 360 8.16 17.53 -8.14
CA ALA B 360 6.84 17.50 -7.52
C ALA B 360 6.50 18.76 -6.70
N LEU B 361 7.50 19.42 -6.10
CA LEU B 361 7.23 20.71 -5.44
C LEU B 361 6.89 21.77 -6.49
N SER B 362 7.55 21.70 -7.65
CA SER B 362 7.27 22.71 -8.70
C SER B 362 5.87 22.49 -9.24
N ILE B 363 5.56 21.24 -9.55
CA ILE B 363 4.21 20.87 -10.00
C ILE B 363 3.11 21.25 -8.99
N GLN B 364 3.36 20.97 -7.71
CA GLN B 364 2.45 21.42 -6.64
C GLN B 364 2.11 22.92 -6.73
N GLY B 365 3.14 23.76 -6.93
CA GLY B 365 2.93 25.20 -7.10
C GLY B 365 2.24 25.55 -8.40
N LEU B 366 2.52 24.80 -9.45
CA LEU B 366 1.93 25.01 -10.77
C LEU B 366 0.46 24.59 -10.81
N THR B 367 0.00 23.86 -9.78
CA THR B 367 -1.36 23.35 -9.74
C THR B 367 -2.14 23.91 -8.55
N THR B 368 -1.81 25.12 -8.12
CA THR B 368 -2.64 25.81 -7.13
C THR B 368 -2.78 27.24 -7.61
N ARG B 369 -3.97 27.81 -7.36
CA ARG B 369 -4.27 29.23 -7.61
C ARG B 369 -3.66 30.09 -6.52
N ASP B 370 -3.23 29.46 -5.44
CA ASP B 370 -2.78 30.19 -4.30
C ASP B 370 -1.35 30.73 -4.48
N LYS B 371 -1.24 32.03 -4.75
CA LYS B 371 0.08 32.69 -4.90
C LYS B 371 1.03 32.54 -3.71
N ALA B 372 0.50 32.65 -2.50
CA ALA B 372 1.26 32.39 -1.29
C ALA B 372 1.88 30.99 -1.29
N GLU B 373 1.10 29.97 -1.70
CA GLU B 373 1.61 28.60 -1.78
C GLU B 373 2.72 28.50 -2.84
N LYS B 374 2.55 29.15 -3.98
CA LYS B 374 3.59 29.17 -5.04
C LYS B 374 4.90 29.74 -4.49
N LYS B 375 4.80 30.89 -3.84
CA LYS B 375 5.94 31.58 -3.24
C LYS B 375 6.63 30.69 -2.24
N PHE B 376 5.83 30.10 -1.32
CA PHE B 376 6.39 29.20 -0.31
C PHE B 376 7.16 28.06 -0.97
N LEU B 377 6.62 27.49 -2.05
CA LEU B 377 7.27 26.37 -2.72
C LEU B 377 8.55 26.79 -3.42
N LEU B 378 8.52 27.95 -4.07
CA LEU B 378 9.74 28.50 -4.65
C LEU B 378 10.88 28.71 -3.64
N ASP B 379 10.55 29.26 -2.47
CA ASP B 379 11.54 29.52 -1.39
C ASP B 379 12.07 28.19 -0.89
N GLN B 380 11.19 27.22 -0.76
CA GLN B 380 11.61 25.91 -0.29
C GLN B 380 12.55 25.28 -1.32
N LEU B 381 12.21 25.43 -2.60
CA LEU B 381 13.04 24.87 -3.68
C LEU B 381 14.47 25.46 -3.64
N VAL B 382 14.58 26.79 -3.49
CA VAL B 382 15.93 27.38 -3.38
C VAL B 382 16.66 27.02 -2.08
N ALA B 383 15.92 26.85 -0.98
CA ALA B 383 16.53 26.59 0.31
C ALA B 383 17.00 25.15 0.45
N CYS B 384 16.37 24.27 -0.32
CA CYS B 384 16.64 22.85 -0.27
C CYS B 384 17.52 22.37 -1.43
N ASP B 385 18.49 23.19 -1.82
CA ASP B 385 19.30 22.95 -2.99
C ASP B 385 20.68 22.38 -2.61
N GLY B 386 20.90 22.15 -1.32
CA GLY B 386 22.18 21.67 -0.78
C GLY B 386 23.34 22.64 -0.99
N GLY B 387 22.99 23.91 -1.18
CA GLY B 387 23.94 24.97 -1.53
C GLY B 387 24.49 24.97 -2.96
N THR B 388 23.86 24.21 -3.84
CA THR B 388 24.37 24.03 -5.21
C THR B 388 23.83 25.09 -6.17
N GLY B 389 22.69 25.70 -5.81
CA GLY B 389 22.06 26.73 -6.67
C GLY B 389 21.41 26.16 -7.93
N VAL B 390 21.20 24.83 -7.98
CA VAL B 390 20.42 24.16 -9.03
C VAL B 390 19.41 23.16 -8.46
N MET B 391 18.58 22.55 -9.31
CA MET B 391 17.58 21.56 -8.87
C MET B 391 18.07 20.11 -8.95
N HIS B 392 17.80 19.34 -7.90
CA HIS B 392 18.17 17.94 -7.92
C HIS B 392 16.98 17.00 -8.27
N GLU B 393 17.28 15.75 -8.56
CA GLU B 393 16.19 14.80 -8.75
C GLU B 393 15.46 14.62 -7.41
N SER B 394 16.20 14.36 -6.32
CA SER B 394 15.56 14.13 -5.01
C SER B 394 16.46 14.62 -3.90
N PHE B 395 15.89 15.02 -2.75
CA PHE B 395 16.73 15.41 -1.59
C PHE B 395 16.10 14.88 -0.28
N HIS B 396 16.94 14.57 0.70
CA HIS B 396 16.45 14.06 1.96
C HIS B 396 15.73 15.15 2.71
N VAL B 397 14.47 14.88 3.06
CA VAL B 397 13.61 15.82 3.83
C VAL B 397 14.27 16.40 5.10
N ASP B 398 15.20 15.65 5.69
CA ASP B 398 15.90 16.08 6.91
C ASP B 398 17.29 16.66 6.64
N ASP B 399 17.73 16.60 5.39
CA ASP B 399 19.08 17.07 5.03
C ASP B 399 19.26 17.24 3.51
N PRO B 400 18.90 18.43 2.98
CA PRO B 400 18.96 18.56 1.53
C PRO B 400 20.37 18.55 0.92
N THR B 401 21.43 18.46 1.74
CA THR B 401 22.78 18.23 1.16
C THR B 401 22.97 16.78 0.74
N LEU B 402 22.03 15.92 1.15
CA LEU B 402 21.90 14.55 0.67
C LEU B 402 20.87 14.53 -0.46
N TYR B 403 21.32 14.26 -1.67
CA TYR B 403 20.45 14.37 -2.82
C TYR B 403 20.93 13.44 -3.90
N SER B 404 20.07 13.19 -4.89
CA SER B 404 20.43 12.46 -6.10
C SER B 404 20.40 13.39 -7.35
N ARG B 405 21.28 13.07 -8.31
CA ARG B 405 21.40 13.77 -9.60
C ARG B 405 21.88 15.22 -9.46
N GLU B 406 23.20 15.37 -9.50
CA GLU B 406 23.85 16.70 -9.52
C GLU B 406 23.33 17.58 -10.64
N TRP B 407 23.17 16.99 -11.84
CA TRP B 407 22.78 17.75 -13.03
CA TRP B 407 22.83 17.72 -13.10
C TRP B 407 21.59 17.07 -13.73
N PHE B 408 20.42 17.66 -13.50
CA PHE B 408 19.12 17.10 -13.90
C PHE B 408 18.35 18.24 -14.53
N SER B 409 18.46 18.34 -15.85
CA SER B 409 17.96 19.52 -16.58
C SER B 409 16.43 19.68 -16.53
N TRP B 410 15.70 18.57 -16.59
CA TRP B 410 14.25 18.63 -16.40
C TRP B 410 13.84 19.30 -15.09
N ALA B 411 14.44 18.92 -13.97
CA ALA B 411 14.13 19.55 -12.67
C ALA B 411 14.53 21.03 -12.61
N ASN B 412 15.63 21.39 -13.27
CA ASN B 412 16.00 22.81 -13.39
C ASN B 412 14.91 23.59 -14.09
N MET B 413 14.38 22.99 -15.16
CA MET B 413 13.41 23.69 -15.99
C MET B 413 12.03 23.76 -15.33
N MET B 414 11.66 22.78 -14.50
CA MET B 414 10.36 22.81 -13.79
C MET B 414 10.37 23.91 -12.71
N PHE B 415 11.55 24.18 -12.15
CA PHE B 415 11.70 25.34 -11.27
C PHE B 415 11.41 26.63 -12.08
N CYS B 416 12.07 26.75 -13.24
CA CYS B 416 11.83 27.87 -14.12
C CYS B 416 10.35 28.06 -14.45
N GLU B 417 9.65 26.97 -14.83
CA GLU B 417 8.20 26.99 -15.06
C GLU B 417 7.48 27.66 -13.89
N LEU B 418 7.75 27.20 -12.67
CA LEU B 418 7.05 27.76 -11.51
C LEU B 418 7.33 29.27 -11.30
N VAL B 419 8.58 29.68 -11.52
CA VAL B 419 8.94 31.09 -11.41
C VAL B 419 8.12 31.93 -12.38
N LEU B 420 8.05 31.50 -13.63
CA LEU B 420 7.38 32.26 -14.66
C LEU B 420 5.90 32.29 -14.38
N ASP B 421 5.35 31.15 -13.99
CA ASP B 421 3.94 31.10 -13.62
C ASP B 421 3.61 32.08 -12.49
N TYR B 422 4.47 32.15 -11.47
CA TYR B 422 4.24 33.05 -10.34
C TYR B 422 4.29 34.53 -10.75
N LEU B 423 5.17 34.86 -11.69
CA LEU B 423 5.32 36.22 -12.22
C LEU B 423 4.28 36.56 -13.29
N ASP B 424 3.39 35.60 -13.61
CA ASP B 424 2.38 35.76 -14.66
C ASP B 424 3.01 36.04 -16.05
N ILE B 425 4.13 35.38 -16.32
CA ILE B 425 4.73 35.40 -17.65
C ILE B 425 4.25 34.15 -18.36
N ARG B 426 3.29 34.35 -19.28
CA ARG B 426 2.51 33.27 -19.86
C ARG B 426 1.03 33.61 -19.85
#